data_4AYJ
#
_entry.id   4AYJ
#
_cell.length_a   70.850
_cell.length_b   93.870
_cell.length_c   75.510
_cell.angle_alpha   90.00
_cell.angle_beta   93.82
_cell.angle_gamma   90.00
#
_symmetry.space_group_name_H-M   'P 1 21 1'
#
loop_
_entity.id
_entity.type
_entity.pdbx_description
1 polymer 'BOGT - METAL-INDEPENDENT GLYCOSYLTRANSFERASE'
2 branched alpha-L-fucopyranose-(1-2)-beta-D-galactopyranose-(1-4)-beta-D-glucopyranose
#
_entity_poly.entity_id   1
_entity_poly.type   'polypeptide(L)'
_entity_poly.pdbx_seq_one_letter_code
;MRIGILYICTGKYDIFWKDFYLSAERYFMQDQSFIIEYYVFTDSPKLYDEENNKHIHRIKQKNLGWPDNTLKRFHIFLRI
KEQLERETDYLFFFNANLLFTSPIGKEILPPSDSNGLLGTMHPGFYNKPNSEFTYERRDASTAYIPEGEGRYYYAGGLSG
GCTKAYLKLCTTICSWVDRDATNHIIPIWHDESLINKYFLDNPPAITLSPAYLYPEGWLLPFEPIILIRDKNKPQYGGHE
LLRRKN
;
_entity_poly.pdbx_strand_id   A,B,C,D
#
# COMPACT_ATOMS: atom_id res chain seq x y z
N MET A 1 -20.24 -23.87 19.24
CA MET A 1 -19.88 -25.04 20.04
C MET A 1 -19.00 -25.99 19.19
N ARG A 2 -19.55 -26.61 18.16
CA ARG A 2 -18.78 -27.55 17.34
C ARG A 2 -18.15 -26.95 16.04
N ILE A 3 -16.86 -27.17 15.85
CA ILE A 3 -16.18 -26.65 14.69
C ILE A 3 -15.69 -27.76 13.75
N GLY A 4 -16.36 -27.92 12.61
CA GLY A 4 -15.91 -28.85 11.59
C GLY A 4 -14.72 -28.27 10.84
N ILE A 5 -13.68 -29.07 10.64
CA ILE A 5 -12.53 -28.67 9.86
C ILE A 5 -12.45 -29.64 8.71
N LEU A 6 -12.32 -29.11 7.50
CA LEU A 6 -12.29 -29.99 6.34
C LEU A 6 -10.88 -29.96 5.82
N TYR A 7 -10.27 -31.11 5.61
CA TYR A 7 -8.88 -31.13 5.25
C TYR A 7 -8.62 -32.30 4.34
N ILE A 8 -7.82 -32.07 3.32
CA ILE A 8 -7.62 -33.04 2.28
C ILE A 8 -6.15 -33.24 2.07
N CYS A 9 -5.66 -34.44 2.33
CA CYS A 9 -4.29 -34.75 1.94
C CYS A 9 -4.24 -36.13 1.29
N THR A 10 -3.95 -36.14 0.00
CA THR A 10 -3.86 -37.38 -0.74
C THR A 10 -2.49 -37.43 -1.40
N GLY A 11 -2.13 -38.59 -1.89
CA GLY A 11 -0.76 -38.81 -2.30
C GLY A 11 0.09 -38.45 -1.11
N LYS A 12 1.20 -37.77 -1.39
CA LYS A 12 2.20 -37.46 -0.36
C LYS A 12 1.77 -36.34 0.61
N TYR A 13 0.71 -35.63 0.27
CA TYR A 13 0.27 -34.49 1.06
C TYR A 13 0.05 -34.81 2.51
N ASP A 14 -0.10 -36.10 2.83
CA ASP A 14 -0.32 -36.48 4.22
C ASP A 14 0.84 -36.05 5.12
N ILE A 15 2.00 -35.76 4.54
CA ILE A 15 3.13 -35.30 5.34
C ILE A 15 2.86 -33.93 5.99
N PHE A 16 1.84 -33.25 5.50
CA PHE A 16 1.41 -32.01 6.14
C PHE A 16 0.52 -32.20 7.37
N TRP A 17 -0.30 -33.25 7.36
CA TRP A 17 -1.24 -33.46 8.45
C TRP A 17 -0.61 -33.37 9.84
N LYS A 18 0.48 -34.11 10.06
CA LYS A 18 0.99 -34.22 11.43
C LYS A 18 1.11 -32.87 12.11
N ASP A 19 1.76 -31.94 11.45
CA ASP A 19 2.02 -30.64 12.04
C ASP A 19 0.79 -29.73 12.01
N PHE A 20 0.02 -29.80 10.94
CA PHE A 20 -1.19 -29.00 10.86
C PHE A 20 -2.04 -29.36 12.04
N TYR A 21 -2.21 -30.66 12.22
CA TYR A 21 -2.99 -31.21 13.32
C TYR A 21 -2.45 -30.75 14.67
N LEU A 22 -1.16 -30.94 14.87
CA LEU A 22 -0.54 -30.54 16.12
C LEU A 22 -0.75 -29.06 16.41
N SER A 23 -0.42 -28.21 15.45
CA SER A 23 -0.56 -26.78 15.68
C SER A 23 -2.01 -26.45 16.00
N ALA A 24 -2.93 -27.18 15.38
CA ALA A 24 -4.35 -26.88 15.52
C ALA A 24 -4.78 -27.09 16.94
N GLU A 25 -4.17 -28.08 17.56
CA GLU A 25 -4.47 -28.49 18.93
C GLU A 25 -4.02 -27.45 19.94
N ARG A 26 -2.93 -26.74 19.61
CA ARG A 26 -2.37 -25.66 20.43
C ARG A 26 -3.07 -24.31 20.31
N TYR A 27 -3.41 -23.96 19.07
CA TYR A 27 -3.78 -22.58 18.67
C TYR A 27 -5.26 -22.38 18.30
N PHE A 28 -5.73 -23.23 17.37
CA PHE A 28 -7.03 -23.04 16.76
C PHE A 28 -8.19 -23.30 17.68
N MET A 29 -8.98 -22.27 17.92
CA MET A 29 -10.19 -22.42 18.66
C MET A 29 -9.94 -23.24 19.93
N GLN A 30 -9.01 -22.85 20.79
CA GLN A 30 -8.88 -23.60 22.03
C GLN A 30 -9.58 -22.82 23.14
N ASP A 31 -10.80 -23.26 23.41
CA ASP A 31 -11.59 -22.79 24.52
C ASP A 31 -12.55 -23.95 24.78
N GLN A 32 -12.88 -24.20 26.04
CA GLN A 32 -13.72 -25.35 26.41
C GLN A 32 -15.13 -25.18 25.87
N SER A 33 -15.38 -24.00 25.30
CA SER A 33 -16.62 -23.74 24.56
C SER A 33 -16.67 -24.56 23.25
N PHE A 34 -15.51 -24.89 22.72
CA PHE A 34 -15.46 -25.54 21.41
C PHE A 34 -14.95 -26.97 21.39
N ILE A 35 -15.60 -27.79 20.59
CA ILE A 35 -15.17 -29.15 20.29
C ILE A 35 -14.84 -29.26 18.80
N ILE A 36 -13.60 -29.59 18.48
CA ILE A 36 -13.17 -29.57 17.08
C ILE A 36 -13.19 -30.97 16.47
N GLU A 37 -13.84 -31.12 15.32
CA GLU A 37 -13.81 -32.38 14.58
C GLU A 37 -12.93 -32.21 13.33
N TYR A 38 -12.18 -33.25 12.98
CA TYR A 38 -11.27 -33.17 11.86
C TYR A 38 -11.70 -34.16 10.82
N TYR A 39 -12.13 -33.70 9.66
CA TYR A 39 -12.47 -34.59 8.56
C TYR A 39 -11.36 -34.56 7.54
N VAL A 40 -10.59 -35.64 7.49
CA VAL A 40 -9.34 -35.63 6.74
C VAL A 40 -9.47 -36.59 5.58
N PHE A 41 -9.66 -36.03 4.39
CA PHE A 41 -9.97 -36.82 3.22
C PHE A 41 -8.66 -37.25 2.60
N THR A 42 -8.43 -38.56 2.56
CA THR A 42 -7.13 -39.05 2.17
C THR A 42 -7.15 -40.46 1.67
N ASP A 43 -6.15 -40.79 0.87
CA ASP A 43 -5.95 -42.15 0.39
C ASP A 43 -4.87 -42.87 1.20
N SER A 44 -4.33 -42.21 2.20
CA SER A 44 -3.31 -42.82 3.03
C SER A 44 -3.94 -43.74 4.07
N PRO A 45 -3.27 -44.86 4.38
CA PRO A 45 -3.82 -45.87 5.29
C PRO A 45 -3.99 -45.40 6.73
N LYS A 46 -3.03 -44.67 7.28
CA LYS A 46 -3.19 -44.20 8.65
C LYS A 46 -2.60 -42.81 8.88
N LEU A 47 -3.35 -42.01 9.62
CA LEU A 47 -2.97 -40.64 9.91
C LEU A 47 -2.10 -40.62 11.15
N TYR A 48 -1.81 -39.44 11.67
CA TYR A 48 -1.07 -39.34 12.92
C TYR A 48 -2.02 -39.19 14.12
N ASP A 49 -1.79 -40.01 15.16
CA ASP A 49 -2.54 -39.91 16.41
C ASP A 49 -3.98 -40.37 16.17
N GLU A 50 -4.27 -40.78 14.94
CA GLU A 50 -5.61 -41.17 14.57
C GLU A 50 -6.17 -42.28 15.47
N GLU A 51 -5.27 -43.04 16.07
CA GLU A 51 -5.61 -44.11 17.03
C GLU A 51 -6.09 -43.59 18.39
N ASN A 52 -5.44 -42.56 18.92
CA ASN A 52 -5.85 -42.00 20.19
C ASN A 52 -7.01 -41.03 20.12
N ASN A 53 -7.17 -40.33 18.99
CA ASN A 53 -8.18 -39.27 18.97
C ASN A 53 -9.44 -39.65 18.24
N LYS A 54 -10.55 -39.41 18.91
CA LYS A 54 -11.85 -39.78 18.41
C LYS A 54 -12.38 -38.71 17.49
N HIS A 55 -11.73 -37.55 17.51
CA HIS A 55 -12.14 -36.40 16.70
C HIS A 55 -11.40 -36.34 15.38
N ILE A 56 -10.47 -37.25 15.15
CA ILE A 56 -9.86 -37.39 13.83
C ILE A 56 -10.69 -38.39 13.04
N HIS A 57 -11.41 -37.93 12.02
CA HIS A 57 -12.23 -38.80 11.18
C HIS A 57 -11.51 -38.99 9.88
N ARG A 58 -10.95 -40.17 9.67
CA ARG A 58 -10.35 -40.44 8.38
C ARG A 58 -11.47 -40.78 7.42
N ILE A 59 -11.47 -40.14 6.25
CA ILE A 59 -12.43 -40.47 5.22
C ILE A 59 -11.66 -40.99 4.04
N LYS A 60 -12.02 -42.18 3.55
CA LYS A 60 -11.23 -42.80 2.51
C LYS A 60 -11.58 -42.12 1.18
N GLN A 61 -10.60 -41.42 0.63
CA GLN A 61 -10.76 -40.69 -0.61
C GLN A 61 -9.51 -40.94 -1.41
N LYS A 62 -9.65 -41.57 -2.58
CA LYS A 62 -8.51 -41.90 -3.42
C LYS A 62 -7.91 -40.64 -4.02
N ASN A 63 -6.67 -40.75 -4.48
CA ASN A 63 -5.96 -39.66 -5.14
C ASN A 63 -6.55 -39.32 -6.52
N LEU A 64 -7.02 -38.07 -6.69
CA LEU A 64 -7.65 -37.65 -7.96
C LEU A 64 -6.67 -37.01 -8.93
N GLY A 65 -5.48 -36.71 -8.46
CA GLY A 65 -4.47 -36.03 -9.26
C GLY A 65 -4.89 -34.60 -9.46
N TRP A 66 -3.92 -33.77 -9.84
CA TRP A 66 -4.15 -32.36 -10.13
C TRP A 66 -4.85 -32.24 -11.48
N PRO A 67 -5.64 -31.18 -11.68
CA PRO A 67 -6.20 -30.22 -10.72
C PRO A 67 -7.35 -30.82 -9.91
N ASP A 68 -7.90 -31.94 -10.36
CA ASP A 68 -9.09 -32.48 -9.75
C ASP A 68 -8.99 -32.60 -8.22
N ASN A 69 -7.77 -32.80 -7.71
CA ASN A 69 -7.53 -32.78 -6.26
C ASN A 69 -8.11 -31.54 -5.62
N THR A 70 -7.76 -30.38 -6.15
CA THR A 70 -8.34 -29.12 -5.70
C THR A 70 -9.68 -28.82 -6.36
N LEU A 71 -9.85 -29.25 -7.60
CA LEU A 71 -11.02 -28.88 -8.35
C LEU A 71 -12.30 -29.49 -7.78
N LYS A 72 -12.18 -30.71 -7.31
CA LYS A 72 -13.31 -31.50 -6.90
C LYS A 72 -13.67 -31.27 -5.45
N ARG A 73 -13.06 -30.27 -4.84
CA ARG A 73 -13.16 -30.08 -3.40
C ARG A 73 -14.55 -30.28 -2.81
N PHE A 74 -15.58 -29.68 -3.38
CA PHE A 74 -16.90 -29.74 -2.75
C PHE A 74 -17.61 -31.01 -3.11
N HIS A 75 -17.16 -31.64 -4.19
CA HIS A 75 -17.63 -32.98 -4.48
C HIS A 75 -17.25 -33.89 -3.35
N ILE A 76 -16.02 -33.72 -2.89
CA ILE A 76 -15.43 -34.59 -1.90
C ILE A 76 -15.98 -34.30 -0.51
N PHE A 77 -16.25 -33.04 -0.22
CA PHE A 77 -16.83 -32.66 1.06
C PHE A 77 -18.22 -33.22 1.16
N LEU A 78 -18.92 -33.25 0.04
CA LEU A 78 -20.34 -33.53 0.08
C LEU A 78 -20.69 -35.01 0.33
N ARG A 79 -19.68 -35.88 0.31
CA ARG A 79 -19.87 -37.30 0.55
C ARG A 79 -20.34 -37.56 1.96
N ILE A 80 -19.79 -36.82 2.90
CA ILE A 80 -20.14 -36.92 4.29
C ILE A 80 -21.18 -35.85 4.65
N LYS A 81 -21.74 -35.23 3.62
CA LYS A 81 -22.61 -34.07 3.80
C LYS A 81 -23.61 -34.24 4.91
N GLU A 82 -24.20 -35.41 4.96
CA GLU A 82 -25.22 -35.62 5.95
C GLU A 82 -24.62 -35.78 7.35
N GLN A 83 -23.45 -36.41 7.42
CA GLN A 83 -22.69 -36.49 8.66
C GLN A 83 -22.36 -35.08 9.15
N LEU A 84 -21.96 -34.22 8.21
CA LEU A 84 -21.50 -32.88 8.52
C LEU A 84 -22.56 -32.03 9.15
N GLU A 85 -23.81 -32.32 8.83
CA GLU A 85 -24.90 -31.48 9.31
C GLU A 85 -25.23 -31.88 10.72
N ARG A 86 -24.88 -33.12 11.02
CA ARG A 86 -25.09 -33.72 12.33
C ARG A 86 -24.09 -33.13 13.31
N GLU A 87 -22.82 -33.34 13.00
CA GLU A 87 -21.74 -33.18 13.96
C GLU A 87 -21.09 -31.77 14.14
N THR A 88 -21.49 -30.80 13.32
CA THR A 88 -20.84 -29.50 13.31
C THR A 88 -21.80 -28.31 13.23
N ASP A 89 -21.48 -27.27 14.00
CA ASP A 89 -22.11 -25.95 13.90
C ASP A 89 -21.49 -25.02 12.83
N TYR A 90 -20.18 -25.15 12.61
CA TYR A 90 -19.41 -24.32 11.67
C TYR A 90 -18.45 -25.16 10.88
N LEU A 91 -18.20 -24.75 9.63
CA LEU A 91 -17.18 -25.42 8.84
C LEU A 91 -16.08 -24.48 8.40
N PHE A 92 -14.86 -25.00 8.34
CA PHE A 92 -13.68 -24.26 7.85
C PHE A 92 -12.74 -25.17 7.06
N PHE A 93 -12.30 -24.72 5.89
CA PHE A 93 -11.38 -25.51 5.09
C PHE A 93 -9.96 -24.99 5.17
N PHE A 94 -8.98 -25.86 5.37
CA PHE A 94 -7.59 -25.42 5.37
C PHE A 94 -6.78 -26.08 4.29
N ASN A 95 -6.02 -25.29 3.55
CA ASN A 95 -5.10 -25.91 2.62
C ASN A 95 -4.11 -26.80 3.39
N ALA A 96 -3.76 -27.94 2.80
CA ALA A 96 -2.95 -28.95 3.49
C ALA A 96 -1.75 -28.34 4.18
N ASN A 97 -1.13 -27.36 3.55
CA ASN A 97 0.16 -26.87 3.99
C ASN A 97 0.16 -25.72 5.01
N LEU A 98 -1.00 -25.36 5.53
CA LEU A 98 -1.06 -24.36 6.60
C LEU A 98 -0.41 -24.82 7.91
N LEU A 99 0.01 -23.84 8.71
CA LEU A 99 0.57 -24.07 10.04
C LEU A 99 0.10 -22.97 11.00
N PHE A 100 -0.49 -23.33 12.15
CA PHE A 100 -0.96 -22.29 13.06
C PHE A 100 0.20 -21.73 13.85
N THR A 101 0.45 -20.44 13.69
CA THR A 101 1.47 -19.79 14.49
C THR A 101 0.91 -19.23 15.79
N SER A 102 -0.26 -18.61 15.71
CA SER A 102 -0.83 -17.91 16.86
C SER A 102 -2.24 -18.37 17.16
N PRO A 103 -2.71 -18.08 18.39
CA PRO A 103 -4.06 -18.34 18.90
C PRO A 103 -5.17 -17.75 18.04
N ILE A 104 -6.17 -18.57 17.73
CA ILE A 104 -7.33 -18.11 16.98
C ILE A 104 -8.59 -18.38 17.79
N GLY A 105 -9.32 -17.33 18.09
CA GLY A 105 -10.50 -17.48 18.92
C GLY A 105 -11.80 -17.41 18.17
N LYS A 106 -12.85 -16.98 18.86
CA LYS A 106 -14.19 -16.89 18.30
C LYS A 106 -14.36 -15.65 17.42
N GLU A 107 -13.32 -14.82 17.39
CA GLU A 107 -13.31 -13.59 16.58
C GLU A 107 -13.61 -13.83 15.08
N ILE A 108 -13.30 -15.02 14.58
CA ILE A 108 -13.44 -15.39 13.17
C ILE A 108 -14.80 -15.98 12.76
N LEU A 109 -15.64 -16.31 13.72
CA LEU A 109 -16.95 -16.89 13.44
C LEU A 109 -17.97 -15.88 12.95
N PRO A 110 -18.57 -16.17 11.78
CA PRO A 110 -19.64 -15.31 11.26
C PRO A 110 -20.83 -15.23 12.23
N PRO A 111 -21.39 -14.03 12.44
CA PRO A 111 -22.54 -13.89 13.34
C PRO A 111 -23.76 -14.69 12.89
N SER A 112 -24.83 -14.61 13.67
CA SER A 112 -26.08 -15.22 13.27
C SER A 112 -26.76 -14.36 12.22
N ASP A 113 -26.88 -13.08 12.52
CA ASP A 113 -27.61 -12.13 11.69
C ASP A 113 -27.00 -11.99 10.33
N SER A 114 -25.81 -12.55 10.15
CA SER A 114 -25.11 -12.45 8.87
C SER A 114 -25.59 -13.46 7.83
N ASN A 115 -24.87 -13.51 6.72
CA ASN A 115 -25.02 -14.55 5.72
C ASN A 115 -24.06 -15.64 6.14
N GLY A 116 -23.63 -15.55 7.39
CA GLY A 116 -22.24 -15.72 7.72
C GLY A 116 -21.48 -16.84 7.05
N LEU A 117 -20.42 -16.37 6.43
CA LEU A 117 -19.63 -17.04 5.44
C LEU A 117 -18.28 -16.36 5.65
N LEU A 118 -17.18 -17.03 5.42
CA LEU A 118 -15.91 -16.36 5.66
C LEU A 118 -14.95 -16.61 4.52
N GLY A 119 -14.12 -15.62 4.22
CA GLY A 119 -13.11 -15.79 3.19
C GLY A 119 -11.90 -14.99 3.56
N THR A 120 -10.76 -15.40 3.03
CA THR A 120 -9.49 -14.74 3.28
C THR A 120 -9.02 -14.05 2.01
N MET A 121 -8.39 -12.89 2.18
CA MET A 121 -7.77 -12.18 1.08
C MET A 121 -6.45 -12.85 0.69
N HIS A 122 -6.36 -13.26 -0.57
CA HIS A 122 -5.16 -13.87 -1.11
C HIS A 122 -4.03 -12.91 -0.78
N PRO A 123 -2.88 -13.44 -0.30
CA PRO A 123 -1.67 -12.69 0.03
C PRO A 123 -1.02 -11.97 -1.18
N GLY A 124 -0.96 -12.64 -2.33
CA GLY A 124 -0.45 -12.03 -3.56
C GLY A 124 -1.23 -10.82 -4.10
N PHE A 125 -2.54 -10.81 -3.91
CA PHE A 125 -3.36 -9.74 -4.44
C PHE A 125 -3.83 -8.63 -3.49
N TYR A 126 -3.44 -8.68 -2.22
CA TYR A 126 -4.03 -7.75 -1.25
C TYR A 126 -3.60 -6.30 -1.52
N ASN A 127 -2.40 -6.14 -2.08
CA ASN A 127 -1.81 -4.85 -2.47
C ASN A 127 -2.01 -4.43 -3.93
N LYS A 128 -2.83 -5.16 -4.69
CA LYS A 128 -3.01 -4.83 -6.12
C LYS A 128 -4.40 -4.32 -6.44
N PRO A 129 -4.53 -3.54 -7.52
CA PRO A 129 -5.81 -3.04 -8.03
C PRO A 129 -6.58 -4.13 -8.79
N ASN A 130 -7.91 -4.06 -8.87
CA ASN A 130 -8.68 -5.22 -9.40
C ASN A 130 -8.46 -5.63 -10.87
N SER A 131 -7.88 -4.74 -11.66
CA SER A 131 -7.40 -5.11 -12.99
C SER A 131 -6.43 -6.27 -12.86
N GLU A 132 -5.76 -6.34 -11.72
CA GLU A 132 -4.70 -7.31 -11.49
C GLU A 132 -5.22 -8.66 -10.96
N PHE A 133 -6.49 -8.67 -10.55
CA PHE A 133 -7.13 -9.89 -10.03
C PHE A 133 -7.30 -10.95 -11.10
N THR A 134 -7.00 -12.17 -10.72
CA THR A 134 -6.86 -13.31 -11.60
C THR A 134 -8.17 -14.05 -11.81
N TYR A 135 -9.26 -13.34 -11.56
CA TYR A 135 -10.63 -13.84 -11.77
C TYR A 135 -10.82 -14.55 -13.12
N GLU A 136 -11.59 -15.64 -13.18
CA GLU A 136 -11.92 -16.24 -14.49
C GLU A 136 -12.67 -15.27 -15.40
N ARG A 137 -12.10 -15.02 -16.57
CA ARG A 137 -12.61 -13.99 -17.45
C ARG A 137 -13.48 -14.45 -18.63
N ARG A 138 -13.60 -15.76 -18.83
CA ARG A 138 -14.38 -16.28 -19.95
C ARG A 138 -15.84 -16.36 -19.55
N ASP A 139 -16.72 -15.62 -20.22
CA ASP A 139 -18.15 -15.63 -19.84
C ASP A 139 -18.74 -17.02 -20.05
N ALA A 140 -17.92 -17.88 -20.64
CA ALA A 140 -18.22 -19.29 -20.82
C ALA A 140 -18.16 -20.12 -19.50
N SER A 141 -17.32 -19.71 -18.54
CA SER A 141 -17.35 -20.33 -17.21
C SER A 141 -18.40 -19.76 -16.26
N THR A 142 -18.80 -20.55 -15.29
CA THR A 142 -19.76 -20.11 -14.31
C THR A 142 -19.05 -19.13 -13.39
N ALA A 143 -17.71 -19.21 -13.43
CA ALA A 143 -16.82 -18.50 -12.51
C ALA A 143 -16.40 -17.13 -13.05
N TYR A 144 -16.83 -16.85 -14.26
CA TYR A 144 -16.51 -15.62 -14.95
C TYR A 144 -16.86 -14.37 -14.15
N ILE A 145 -15.98 -13.38 -14.17
CA ILE A 145 -16.37 -12.04 -13.73
C ILE A 145 -16.03 -10.97 -14.78
N PRO A 146 -16.95 -10.00 -14.96
CA PRO A 146 -16.70 -8.83 -15.81
C PRO A 146 -15.45 -8.08 -15.36
N GLU A 147 -14.73 -7.52 -16.31
CA GLU A 147 -13.54 -6.77 -16.02
C GLU A 147 -13.92 -5.57 -15.18
N GLY A 148 -13.06 -5.21 -14.23
CA GLY A 148 -13.31 -4.08 -13.36
C GLY A 148 -14.46 -4.35 -12.41
N GLU A 149 -14.72 -5.63 -12.18
CA GLU A 149 -15.77 -6.05 -11.26
C GLU A 149 -15.09 -6.74 -10.07
N GLY A 150 -15.79 -6.76 -8.93
CA GLY A 150 -15.32 -7.45 -7.74
C GLY A 150 -14.53 -6.59 -6.76
N ARG A 151 -14.67 -6.88 -5.46
CA ARG A 151 -13.95 -6.18 -4.37
C ARG A 151 -12.60 -6.79 -4.04
N TYR A 152 -12.57 -8.07 -3.69
CA TYR A 152 -11.32 -8.69 -3.29
C TYR A 152 -10.97 -9.88 -4.15
N TYR A 153 -9.72 -10.31 -4.08
CA TYR A 153 -9.36 -11.59 -4.63
C TYR A 153 -9.20 -12.54 -3.46
N TYR A 154 -10.09 -13.53 -3.36
CA TYR A 154 -10.10 -14.49 -2.25
C TYR A 154 -9.33 -15.77 -2.55
N ALA A 155 -8.66 -16.31 -1.53
CA ALA A 155 -7.83 -17.51 -1.65
C ALA A 155 -8.59 -18.80 -1.47
N GLY A 156 -8.12 -19.82 -2.18
CA GLY A 156 -8.74 -21.12 -2.14
C GLY A 156 -8.62 -21.70 -0.76
N GLY A 157 -7.46 -21.50 -0.14
CA GLY A 157 -7.00 -22.27 1.01
C GLY A 157 -7.50 -22.04 2.43
N LEU A 158 -8.32 -21.01 2.64
CA LEU A 158 -9.10 -20.87 3.85
C LEU A 158 -10.51 -20.32 3.61
N SER A 159 -11.53 -21.12 3.89
CA SER A 159 -12.94 -20.66 3.85
C SER A 159 -13.85 -21.38 4.85
N GLY A 160 -14.99 -20.78 5.19
CA GLY A 160 -15.84 -21.35 6.20
C GLY A 160 -17.18 -20.67 6.34
N GLY A 161 -17.87 -20.97 7.45
CA GLY A 161 -19.16 -20.36 7.80
C GLY A 161 -20.02 -21.25 8.70
N CYS A 162 -21.23 -20.78 8.98
CA CYS A 162 -22.27 -21.62 9.58
C CYS A 162 -22.35 -22.88 8.75
N THR A 163 -22.48 -24.03 9.40
CA THR A 163 -22.52 -25.29 8.65
C THR A 163 -23.53 -25.27 7.49
N LYS A 164 -24.70 -24.71 7.73
CA LYS A 164 -25.73 -24.65 6.68
C LYS A 164 -25.34 -23.73 5.52
N ALA A 165 -24.65 -22.64 5.84
CA ALA A 165 -24.30 -21.65 4.82
C ALA A 165 -23.10 -22.08 3.97
N TYR A 166 -22.13 -22.75 4.59
CA TYR A 166 -20.95 -23.18 3.85
C TYR A 166 -21.21 -24.41 3.02
N LEU A 167 -22.23 -25.18 3.38
CA LEU A 167 -22.58 -26.35 2.60
C LEU A 167 -23.29 -25.91 1.32
N LYS A 168 -24.24 -25.00 1.47
CA LYS A 168 -24.94 -24.44 0.33
C LYS A 168 -23.93 -23.95 -0.67
N LEU A 169 -22.77 -23.55 -0.15
CA LEU A 169 -21.70 -23.09 -1.01
C LEU A 169 -21.03 -24.28 -1.65
N CYS A 170 -20.97 -25.39 -0.95
CA CYS A 170 -20.31 -26.54 -1.51
C CYS A 170 -21.13 -27.13 -2.63
N THR A 171 -22.45 -27.17 -2.45
CA THR A 171 -23.34 -27.76 -3.43
C THR A 171 -23.46 -26.84 -4.62
N THR A 172 -23.78 -25.58 -4.34
CA THR A 172 -23.81 -24.55 -5.37
C THR A 172 -22.56 -24.58 -6.27
N ILE A 173 -21.39 -24.35 -5.68
CA ILE A 173 -20.14 -24.41 -6.41
C ILE A 173 -19.86 -25.77 -7.02
N CYS A 174 -20.20 -26.84 -6.30
CA CYS A 174 -20.07 -28.21 -6.84
C CYS A 174 -20.78 -28.30 -8.18
N SER A 175 -22.00 -27.77 -8.24
CA SER A 175 -22.77 -27.71 -9.50
C SER A 175 -22.10 -26.88 -10.63
N TRP A 176 -21.59 -25.69 -10.28
CA TRP A 176 -20.87 -24.88 -11.23
C TRP A 176 -19.73 -25.70 -11.77
N VAL A 177 -18.99 -26.34 -10.87
CA VAL A 177 -17.91 -27.21 -11.28
C VAL A 177 -18.35 -28.18 -12.37
N ASP A 178 -19.53 -28.78 -12.17
CA ASP A 178 -20.11 -29.78 -13.08
C ASP A 178 -20.58 -29.19 -14.40
N ARG A 179 -21.18 -28.01 -14.35
CA ARG A 179 -21.62 -27.32 -15.56
C ARG A 179 -20.45 -27.05 -16.48
N ASP A 180 -19.36 -26.54 -15.91
CA ASP A 180 -18.19 -26.22 -16.71
C ASP A 180 -17.63 -27.45 -17.38
N ALA A 181 -17.79 -28.62 -16.76
CA ALA A 181 -17.21 -29.84 -17.29
C ALA A 181 -17.96 -30.26 -18.54
N THR A 182 -19.23 -29.91 -18.55
CA THR A 182 -20.11 -30.21 -19.67
C THR A 182 -19.70 -29.37 -20.87
N ASN A 183 -19.17 -28.17 -20.59
CA ASN A 183 -18.66 -27.24 -21.60
C ASN A 183 -17.18 -27.44 -21.89
N HIS A 184 -16.58 -28.40 -21.20
CA HIS A 184 -15.14 -28.63 -21.24
C HIS A 184 -14.32 -27.40 -20.84
N ILE A 185 -14.88 -26.64 -19.92
CA ILE A 185 -14.22 -25.50 -19.27
C ILE A 185 -13.73 -25.84 -17.86
N ILE A 186 -12.45 -25.54 -17.61
CA ILE A 186 -11.83 -25.63 -16.29
C ILE A 186 -11.42 -24.24 -15.86
N PRO A 187 -12.09 -23.66 -14.85
CA PRO A 187 -11.73 -22.26 -14.52
C PRO A 187 -10.22 -22.13 -14.24
N ILE A 188 -9.65 -20.96 -14.49
CA ILE A 188 -8.20 -20.80 -14.54
C ILE A 188 -7.53 -21.17 -13.22
N TRP A 189 -8.12 -20.65 -12.15
CA TRP A 189 -7.72 -20.94 -10.78
C TRP A 189 -8.54 -21.98 -10.02
N HIS A 190 -9.38 -22.69 -10.75
CA HIS A 190 -10.15 -23.81 -10.25
C HIS A 190 -11.13 -23.40 -9.19
N ASP A 191 -11.06 -24.05 -8.03
CA ASP A 191 -12.03 -23.78 -6.99
C ASP A 191 -11.90 -22.33 -6.53
N GLU A 192 -10.67 -21.83 -6.49
CA GLU A 192 -10.44 -20.44 -6.11
C GLU A 192 -11.19 -19.51 -7.07
N SER A 193 -10.99 -19.75 -8.36
CA SER A 193 -11.73 -19.01 -9.37
C SER A 193 -13.23 -18.97 -9.09
N LEU A 194 -13.82 -20.14 -8.80
CA LEU A 194 -15.27 -20.27 -8.54
C LEU A 194 -15.75 -19.68 -7.22
N ILE A 195 -14.90 -19.75 -6.20
CA ILE A 195 -15.30 -19.25 -4.89
C ILE A 195 -15.34 -17.73 -4.91
N ASN A 196 -14.53 -17.15 -5.78
CA ASN A 196 -14.51 -15.72 -5.92
C ASN A 196 -15.80 -15.18 -6.53
N LYS A 197 -16.34 -15.91 -7.49
CA LYS A 197 -17.65 -15.55 -8.04
C LYS A 197 -18.69 -15.62 -6.94
N TYR A 198 -18.75 -16.74 -6.23
CA TYR A 198 -19.76 -16.96 -5.20
C TYR A 198 -19.74 -15.87 -4.14
N PHE A 199 -18.53 -15.40 -3.85
CA PHE A 199 -18.26 -14.32 -2.91
C PHE A 199 -18.46 -12.95 -3.56
N LEU A 200 -18.66 -12.97 -4.88
CA LEU A 200 -19.10 -11.76 -5.57
C LEU A 200 -20.60 -11.59 -5.43
N ASP A 201 -21.35 -12.66 -5.69
CA ASP A 201 -22.80 -12.65 -5.48
C ASP A 201 -23.06 -12.53 -3.99
N ASN A 202 -22.17 -13.15 -3.21
CA ASN A 202 -22.34 -13.31 -1.77
C ASN A 202 -21.24 -12.65 -0.98
N PRO A 203 -21.25 -11.33 -0.89
CA PRO A 203 -20.14 -10.81 -0.07
C PRO A 203 -20.06 -11.52 1.30
N PRO A 204 -18.90 -12.08 1.64
CA PRO A 204 -18.69 -12.85 2.88
C PRO A 204 -18.80 -12.03 4.17
N ALA A 205 -19.55 -12.54 5.15
CA ALA A 205 -19.79 -11.83 6.40
C ALA A 205 -18.50 -11.46 7.12
N ILE A 206 -17.45 -12.26 6.91
CA ILE A 206 -16.16 -11.96 7.48
C ILE A 206 -15.08 -12.08 6.43
N THR A 207 -14.35 -10.99 6.22
CA THR A 207 -13.18 -11.04 5.38
C THR A 207 -11.92 -10.89 6.23
N LEU A 208 -11.19 -12.00 6.31
CA LEU A 208 -9.97 -12.09 7.08
C LEU A 208 -8.82 -11.56 6.25
N SER A 209 -7.87 -10.91 6.91
CA SER A 209 -6.66 -10.40 6.26
C SER A 209 -5.72 -11.53 5.80
N PRO A 210 -4.70 -11.16 5.00
CA PRO A 210 -3.64 -12.05 4.53
C PRO A 210 -2.76 -12.61 5.64
N ALA A 211 -2.87 -12.08 6.86
CA ALA A 211 -2.12 -12.61 8.01
C ALA A 211 -2.42 -14.09 8.24
N TYR A 212 -3.65 -14.47 7.90
CA TYR A 212 -4.16 -15.83 8.01
C TYR A 212 -3.70 -16.68 6.84
N LEU A 213 -3.30 -16.02 5.78
CA LEU A 213 -2.59 -16.67 4.67
C LEU A 213 -1.07 -16.41 4.46
N TYR A 214 -0.42 -15.87 5.50
CA TYR A 214 0.98 -15.45 5.39
C TYR A 214 1.88 -16.58 4.89
N PRO A 215 2.42 -16.41 3.67
CA PRO A 215 3.37 -17.32 3.03
C PRO A 215 4.67 -17.44 3.80
N GLU A 216 5.25 -18.63 3.79
CA GLU A 216 6.50 -18.84 4.51
C GLU A 216 7.64 -18.32 3.66
N GLY A 217 8.32 -17.31 4.16
CA GLY A 217 9.43 -16.70 3.42
C GLY A 217 9.05 -15.48 2.60
N TRP A 218 7.90 -14.89 2.88
CA TRP A 218 7.53 -13.63 2.28
C TRP A 218 7.54 -12.63 3.38
N LEU A 219 7.87 -11.38 3.05
CA LEU A 219 7.79 -10.33 4.03
C LEU A 219 6.52 -9.58 3.75
N LEU A 220 5.72 -9.40 4.78
CA LEU A 220 4.41 -8.82 4.62
C LEU A 220 4.23 -7.94 5.84
N PRO A 221 3.43 -6.85 5.71
CA PRO A 221 3.27 -5.89 6.82
C PRO A 221 2.20 -6.30 7.84
N PHE A 222 2.28 -7.57 8.24
CA PHE A 222 1.40 -8.14 9.25
C PHE A 222 2.18 -9.03 10.18
N GLU A 223 1.55 -9.40 11.28
CA GLU A 223 2.01 -10.55 12.05
C GLU A 223 1.38 -11.78 11.45
N PRO A 224 2.19 -12.82 11.16
CA PRO A 224 1.48 -14.00 10.67
C PRO A 224 0.62 -14.64 11.79
N ILE A 225 -0.65 -14.90 11.50
CA ILE A 225 -1.48 -15.64 12.42
C ILE A 225 -1.33 -17.08 11.99
N ILE A 226 -1.75 -17.37 10.75
CA ILE A 226 -1.46 -18.66 10.11
C ILE A 226 -0.46 -18.55 8.97
N LEU A 227 0.33 -19.60 8.84
CA LEU A 227 1.50 -19.56 8.00
C LEU A 227 1.29 -20.56 6.88
N ILE A 228 1.90 -20.33 5.73
CA ILE A 228 1.75 -21.26 4.61
C ILE A 228 3.06 -21.96 4.35
N ARG A 229 3.15 -23.24 4.70
CA ARG A 229 4.44 -23.90 4.61
C ARG A 229 4.87 -23.98 3.16
N ASP A 230 6.18 -23.90 2.93
CA ASP A 230 6.73 -23.91 1.58
C ASP A 230 7.25 -25.31 1.23
N LYS A 231 6.86 -25.85 0.09
CA LYS A 231 7.41 -27.13 -0.32
C LYS A 231 8.77 -26.99 -1.00
N MET B 1 28.86 10.10 -19.92
CA MET B 1 28.67 11.40 -20.56
C MET B 1 27.45 11.52 -21.53
N ARG B 2 27.43 10.70 -22.59
CA ARG B 2 26.30 10.65 -23.54
C ARG B 2 25.35 9.46 -23.30
N ILE B 3 24.08 9.73 -23.02
CA ILE B 3 23.14 8.67 -22.65
C ILE B 3 22.07 8.36 -23.70
N GLY B 4 22.23 7.24 -24.39
CA GLY B 4 21.21 6.76 -25.31
C GLY B 4 20.00 6.15 -24.65
N ILE B 5 18.81 6.67 -24.97
CA ILE B 5 17.55 6.05 -24.54
C ILE B 5 16.96 5.24 -25.69
N LEU B 6 16.77 3.94 -25.52
CA LEU B 6 16.15 3.10 -26.55
C LEU B 6 14.67 2.86 -26.24
N TYR B 7 13.79 3.25 -27.17
CA TYR B 7 12.36 3.30 -26.91
C TYR B 7 11.58 2.82 -28.14
N ILE B 8 10.68 1.84 -27.99
CA ILE B 8 9.90 1.34 -29.15
C ILE B 8 8.41 1.75 -29.12
N CYS B 9 7.96 2.57 -30.07
CA CYS B 9 6.54 2.93 -30.18
C CYS B 9 5.69 2.31 -31.30
N THR B 10 6.19 1.33 -32.04
CA THR B 10 5.47 0.89 -33.23
C THR B 10 4.02 0.51 -32.92
N GLY B 11 3.14 0.73 -33.90
CA GLY B 11 1.71 0.48 -33.75
C GLY B 11 1.08 1.68 -33.08
N LYS B 12 0.05 1.47 -32.27
CA LYS B 12 -0.57 2.55 -31.50
C LYS B 12 0.15 2.83 -30.18
N TYR B 13 1.25 2.11 -29.95
CA TYR B 13 2.06 2.32 -28.76
C TYR B 13 2.73 3.71 -28.73
N ASP B 14 2.54 4.52 -29.76
CA ASP B 14 3.18 5.84 -29.77
C ASP B 14 2.46 6.94 -28.98
N ILE B 15 1.25 6.66 -28.48
CA ILE B 15 0.56 7.63 -27.64
C ILE B 15 1.35 7.82 -26.35
N PHE B 16 2.21 6.84 -26.07
CA PHE B 16 2.96 6.84 -24.81
C PHE B 16 4.22 7.69 -24.89
N TRP B 17 4.59 8.11 -26.10
CA TRP B 17 5.83 8.84 -26.33
C TRP B 17 5.80 10.29 -25.88
N LYS B 18 4.72 10.98 -26.17
CA LYS B 18 4.62 12.36 -25.74
C LYS B 18 5.01 12.53 -24.27
N ASP B 19 4.26 11.92 -23.35
CA ASP B 19 4.48 12.12 -21.93
C ASP B 19 5.70 11.39 -21.35
N PHE B 20 6.09 10.31 -21.99
CA PHE B 20 7.33 9.67 -21.61
C PHE B 20 8.47 10.63 -21.80
N TYR B 21 8.47 11.28 -22.96
CA TYR B 21 9.52 12.21 -23.34
C TYR B 21 9.54 13.44 -22.45
N LEU B 22 8.40 14.10 -22.36
CA LEU B 22 8.28 15.30 -21.54
C LEU B 22 8.90 15.10 -20.14
N SER B 23 8.60 13.98 -19.49
CA SER B 23 9.18 13.67 -18.19
C SER B 23 10.64 13.20 -18.27
N ALA B 24 11.02 12.50 -19.34
CA ALA B 24 12.42 12.15 -19.52
C ALA B 24 13.20 13.43 -19.49
N GLU B 25 12.56 14.46 -20.04
CA GLU B 25 13.11 15.80 -20.15
C GLU B 25 13.05 16.58 -18.84
N ARG B 26 11.98 16.44 -18.08
CA ARG B 26 11.92 17.02 -16.73
C ARG B 26 12.93 16.44 -15.72
N TYR B 27 13.10 15.11 -15.74
CA TYR B 27 13.79 14.38 -14.65
C TYR B 27 15.06 13.68 -15.06
N PHE B 28 14.95 12.84 -16.08
CA PHE B 28 16.04 11.93 -16.41
C PHE B 28 17.37 12.63 -16.66
N MET B 29 18.38 12.21 -15.89
CA MET B 29 19.75 12.66 -16.13
C MET B 29 19.85 14.16 -16.33
N GLN B 30 19.31 14.93 -15.39
CA GLN B 30 19.26 16.37 -15.62
C GLN B 30 20.49 17.11 -15.09
N ASP B 31 21.29 17.58 -16.05
CA ASP B 31 22.68 17.92 -15.82
C ASP B 31 23.21 18.45 -17.13
N GLN B 32 24.30 19.20 -17.04
CA GLN B 32 25.00 19.62 -18.24
C GLN B 32 26.00 18.55 -18.65
N SER B 33 26.36 17.69 -17.69
CA SER B 33 27.32 16.64 -17.95
C SER B 33 26.63 15.56 -18.78
N PHE B 34 25.31 15.65 -18.88
CA PHE B 34 24.54 14.58 -19.47
C PHE B 34 23.73 14.97 -20.68
N ILE B 35 24.11 14.36 -21.80
CA ILE B 35 23.39 14.44 -23.05
C ILE B 35 22.41 13.27 -23.15
N ILE B 36 21.11 13.57 -23.14
CA ILE B 36 20.14 12.53 -23.39
C ILE B 36 19.91 12.46 -24.91
N GLU B 37 20.11 11.28 -25.48
CA GLU B 37 19.79 11.04 -26.89
C GLU B 37 18.73 9.94 -27.07
N TYR B 38 17.55 10.33 -27.52
CA TYR B 38 16.51 9.35 -27.74
C TYR B 38 16.68 8.75 -29.12
N TYR B 39 16.59 7.43 -29.21
CA TYR B 39 16.41 6.78 -30.50
C TYR B 39 15.05 6.14 -30.41
N VAL B 40 14.08 6.71 -31.12
CA VAL B 40 12.73 6.20 -31.04
C VAL B 40 12.45 5.35 -32.25
N PHE B 41 12.35 4.04 -32.05
CA PHE B 41 12.05 3.11 -33.11
C PHE B 41 10.54 3.12 -33.27
N THR B 42 10.07 3.53 -34.44
CA THR B 42 8.64 3.67 -34.68
C THR B 42 8.24 3.48 -36.16
N ASP B 43 7.00 3.08 -36.38
CA ASP B 43 6.44 3.04 -37.72
C ASP B 43 5.60 4.29 -38.00
N SER B 44 5.59 5.22 -37.04
CA SER B 44 4.81 6.45 -37.15
C SER B 44 5.50 7.51 -38.05
N PRO B 45 4.69 8.39 -38.68
CA PRO B 45 5.14 9.46 -39.61
C PRO B 45 5.93 10.59 -38.97
N LYS B 46 5.49 11.06 -37.81
CA LYS B 46 6.16 12.10 -37.06
C LYS B 46 5.92 11.91 -35.56
N LEU B 47 6.93 12.25 -34.76
CA LEU B 47 6.91 12.08 -33.31
C LEU B 47 6.68 13.44 -32.68
N TYR B 48 6.04 13.48 -31.53
CA TYR B 48 5.93 14.74 -30.77
C TYR B 48 7.26 15.43 -30.58
N ASP B 49 7.31 16.73 -30.90
CA ASP B 49 8.49 17.55 -30.66
C ASP B 49 9.69 17.24 -31.58
N GLU B 50 9.53 16.24 -32.42
CA GLU B 50 10.63 15.81 -33.28
C GLU B 50 11.27 16.98 -34.03
N GLU B 51 10.44 17.94 -34.43
CA GLU B 51 10.93 19.10 -35.15
C GLU B 51 11.80 20.01 -34.28
N ASN B 52 11.43 20.16 -33.02
CA ASN B 52 12.14 21.05 -32.12
C ASN B 52 13.40 20.49 -31.47
N ASN B 53 13.43 19.20 -31.21
CA ASN B 53 14.61 18.60 -30.63
C ASN B 53 15.35 17.75 -31.66
N LYS B 54 16.64 17.99 -31.81
CA LYS B 54 17.46 17.23 -32.74
C LYS B 54 18.14 16.09 -32.02
N HIS B 55 17.77 15.93 -30.75
CA HIS B 55 18.21 14.80 -29.96
C HIS B 55 17.18 13.69 -29.97
N ILE B 56 16.05 13.95 -30.63
CA ILE B 56 15.06 12.94 -30.88
C ILE B 56 15.42 12.40 -32.25
N HIS B 57 15.97 11.19 -32.28
CA HIS B 57 16.35 10.59 -33.54
C HIS B 57 15.30 9.56 -33.88
N ARG B 58 14.42 9.87 -34.83
CA ARG B 58 13.41 8.90 -35.21
C ARG B 58 14.07 7.82 -36.05
N ILE B 59 13.88 6.57 -35.68
CA ILE B 59 14.43 5.45 -36.44
C ILE B 59 13.28 4.64 -36.99
N LYS B 60 13.30 4.37 -38.29
CA LYS B 60 12.16 3.72 -38.93
C LYS B 60 12.12 2.25 -38.54
N GLN B 61 11.03 1.85 -37.89
CA GLN B 61 10.82 0.47 -37.51
C GLN B 61 9.39 0.09 -37.80
N LYS B 62 9.20 -0.91 -38.66
CA LYS B 62 7.85 -1.38 -38.92
C LYS B 62 7.33 -2.21 -37.75
N ASN B 63 6.01 -2.30 -37.66
CA ASN B 63 5.33 -3.05 -36.63
C ASN B 63 5.50 -4.56 -36.85
N LEU B 64 5.99 -5.30 -35.86
CA LEU B 64 6.16 -6.76 -36.04
C LEU B 64 5.04 -7.62 -35.44
N GLY B 65 4.04 -6.95 -34.85
CA GLY B 65 2.99 -7.65 -34.16
C GLY B 65 3.51 -8.22 -32.85
N TRP B 66 2.57 -8.59 -31.98
CA TRP B 66 2.90 -9.33 -30.79
C TRP B 66 3.17 -10.76 -31.23
N PRO B 67 4.00 -11.51 -30.49
CA PRO B 67 4.96 -11.18 -29.44
C PRO B 67 6.23 -10.56 -30.01
N ASP B 68 6.43 -10.75 -31.31
CA ASP B 68 7.64 -10.32 -32.00
C ASP B 68 8.04 -8.90 -31.61
N ASN B 69 7.04 -8.05 -31.48
CA ASN B 69 7.24 -6.68 -31.09
C ASN B 69 8.16 -6.58 -29.90
N THR B 70 7.92 -7.42 -28.88
CA THR B 70 8.79 -7.45 -27.71
C THR B 70 10.02 -8.34 -27.85
N LEU B 71 9.90 -9.45 -28.56
CA LEU B 71 10.93 -10.47 -28.62
C LEU B 71 12.10 -10.11 -29.53
N LYS B 72 11.82 -9.23 -30.48
CA LYS B 72 12.79 -8.86 -31.50
C LYS B 72 13.59 -7.62 -31.15
N ARG B 73 13.42 -7.10 -29.94
CA ARG B 73 14.06 -5.87 -29.53
C ARG B 73 15.52 -5.74 -29.89
N PHE B 74 16.28 -6.82 -29.72
CA PHE B 74 17.71 -6.80 -29.96
C PHE B 74 18.04 -6.94 -31.43
N HIS B 75 17.12 -7.56 -32.17
CA HIS B 75 17.24 -7.56 -33.61
C HIS B 75 17.02 -6.13 -34.12
N ILE B 76 16.07 -5.46 -33.49
CA ILE B 76 15.70 -4.08 -33.78
C ILE B 76 16.77 -3.03 -33.43
N PHE B 77 17.32 -3.14 -32.23
CA PHE B 77 18.35 -2.24 -31.72
C PHE B 77 19.64 -2.34 -32.53
N LEU B 78 19.88 -3.51 -33.10
CA LEU B 78 21.18 -3.82 -33.72
C LEU B 78 21.34 -3.34 -35.18
N ARG B 79 20.25 -2.92 -35.82
CA ARG B 79 20.36 -2.26 -37.10
C ARG B 79 21.29 -1.07 -36.91
N ILE B 80 20.93 -0.22 -35.95
CA ILE B 80 21.57 1.09 -35.78
C ILE B 80 22.78 0.95 -34.89
N LYS B 81 23.20 -0.31 -34.73
CA LYS B 81 24.31 -0.70 -33.86
C LYS B 81 25.56 0.21 -33.92
N GLU B 82 26.05 0.52 -35.13
CA GLU B 82 27.21 1.40 -35.21
C GLU B 82 26.85 2.86 -34.98
N GLN B 83 25.68 3.30 -35.42
CA GLN B 83 25.26 4.65 -35.08
C GLN B 83 25.25 4.84 -33.58
N LEU B 84 24.97 3.75 -32.87
CA LEU B 84 24.85 3.76 -31.41
C LEU B 84 26.22 3.76 -30.77
N GLU B 85 27.17 3.07 -31.39
CA GLU B 85 28.55 3.11 -30.93
C GLU B 85 29.13 4.52 -31.03
N ARG B 86 28.78 5.23 -32.10
CA ARG B 86 29.36 6.53 -32.40
C ARG B 86 28.76 7.71 -31.62
N GLU B 87 27.50 7.61 -31.23
CA GLU B 87 26.85 8.68 -30.46
C GLU B 87 26.60 8.54 -28.95
N THR B 88 26.85 7.37 -28.37
CA THR B 88 26.42 7.11 -26.99
C THR B 88 27.47 6.43 -26.10
N ASP B 89 27.55 6.88 -24.85
CA ASP B 89 28.33 6.17 -23.83
C ASP B 89 27.55 5.03 -23.14
N TYR B 90 26.30 5.32 -22.79
CA TYR B 90 25.44 4.31 -22.18
C TYR B 90 24.20 4.16 -23.03
N LEU B 91 23.59 2.97 -22.95
CA LEU B 91 22.30 2.69 -23.54
C LEU B 91 21.31 2.29 -22.45
N PHE B 92 20.07 2.80 -22.50
CA PHE B 92 18.99 2.40 -21.58
C PHE B 92 17.66 2.18 -22.30
N PHE B 93 17.12 0.96 -22.24
CA PHE B 93 15.79 0.66 -22.78
C PHE B 93 14.63 0.93 -21.80
N PHE B 94 13.56 1.53 -22.28
CA PHE B 94 12.38 1.78 -21.44
C PHE B 94 11.10 1.35 -22.15
N ASN B 95 10.29 0.54 -21.49
CA ASN B 95 9.00 0.13 -22.02
C ASN B 95 8.24 1.39 -22.39
N ALA B 96 7.43 1.32 -23.43
CA ALA B 96 6.76 2.49 -23.96
C ALA B 96 5.92 3.25 -22.94
N ASN B 97 5.31 2.53 -22.01
CA ASN B 97 4.38 3.16 -21.06
C ASN B 97 5.00 3.72 -19.78
N LEU B 98 6.31 3.56 -19.64
CA LEU B 98 7.05 4.11 -18.49
C LEU B 98 6.95 5.63 -18.45
N LEU B 99 6.87 6.19 -17.27
CA LEU B 99 6.80 7.63 -17.11
C LEU B 99 7.56 8.06 -15.85
N PHE B 100 8.52 8.99 -15.99
CA PHE B 100 9.33 9.45 -14.85
C PHE B 100 8.51 10.33 -13.91
N THR B 101 8.48 9.96 -12.63
CA THR B 101 7.80 10.78 -11.60
C THR B 101 8.72 11.61 -10.71
N SER B 102 10.04 11.47 -10.92
CA SER B 102 11.04 12.00 -9.99
C SER B 102 12.50 11.85 -10.50
N PRO B 103 13.38 12.81 -10.15
CA PRO B 103 14.74 12.99 -10.69
C PRO B 103 15.63 11.76 -10.59
N ILE B 104 16.32 11.44 -11.68
CA ILE B 104 17.26 10.33 -11.69
C ILE B 104 18.63 10.81 -12.14
N GLY B 105 19.64 10.49 -11.34
CA GLY B 105 21.00 10.92 -11.60
C GLY B 105 21.91 9.80 -12.02
N LYS B 106 23.21 10.10 -12.01
CA LYS B 106 24.23 9.16 -12.45
C LYS B 106 24.18 7.91 -11.57
N GLU B 107 23.44 8.01 -10.48
CA GLU B 107 23.45 6.97 -9.46
C GLU B 107 23.13 5.63 -10.09
N ILE B 108 22.45 5.69 -11.24
CA ILE B 108 22.01 4.51 -11.96
C ILE B 108 23.04 4.04 -12.99
N LEU B 109 24.18 4.73 -13.06
CA LEU B 109 25.21 4.35 -14.02
C LEU B 109 26.18 3.31 -13.45
N PRO B 110 26.30 2.16 -14.14
CA PRO B 110 27.32 1.14 -13.89
C PRO B 110 28.73 1.73 -13.92
N PRO B 111 29.57 1.39 -12.94
CA PRO B 111 30.93 1.93 -12.97
C PRO B 111 31.70 1.50 -14.22
N SER B 112 32.93 2.00 -14.36
CA SER B 112 33.78 1.67 -15.50
C SER B 112 34.55 0.41 -15.16
N ASP B 113 34.49 0.06 -13.88
CA ASP B 113 35.24 -1.04 -13.31
C ASP B 113 34.39 -2.31 -13.35
N SER B 114 33.12 -2.14 -13.72
CA SER B 114 32.13 -3.20 -13.65
C SER B 114 32.04 -3.95 -14.96
N ASN B 115 31.07 -4.87 -15.06
CA ASN B 115 30.72 -5.45 -16.37
C ASN B 115 29.91 -4.41 -17.14
N GLY B 116 29.55 -3.34 -16.41
CA GLY B 116 28.87 -2.19 -16.96
C GLY B 116 27.39 -2.36 -17.24
N LEU B 117 26.74 -3.29 -16.54
CA LEU B 117 25.34 -3.64 -16.82
C LEU B 117 24.38 -3.18 -15.74
N LEU B 118 23.14 -2.93 -16.15
CA LEU B 118 22.04 -2.68 -15.21
C LEU B 118 20.80 -3.51 -15.58
N GLY B 119 20.01 -3.87 -14.58
CA GLY B 119 18.75 -4.56 -14.78
C GLY B 119 17.82 -4.13 -13.66
N THR B 120 16.51 -4.34 -13.83
CA THR B 120 15.53 -4.00 -12.80
C THR B 120 14.72 -5.20 -12.33
N MET B 121 14.39 -5.21 -11.05
CA MET B 121 13.61 -6.27 -10.46
C MET B 121 12.15 -6.16 -10.86
N HIS B 122 11.60 -7.23 -11.41
CA HIS B 122 10.19 -7.28 -11.74
C HIS B 122 9.41 -6.98 -10.48
N PRO B 123 8.46 -6.01 -10.54
CA PRO B 123 7.73 -5.60 -9.34
C PRO B 123 6.87 -6.73 -8.78
N GLY B 124 6.55 -7.73 -9.61
CA GLY B 124 5.77 -8.87 -9.17
C GLY B 124 6.48 -9.86 -8.24
N PHE B 125 7.72 -10.19 -8.58
CA PHE B 125 8.51 -11.22 -7.90
C PHE B 125 9.59 -10.78 -6.89
N TYR B 126 9.70 -9.49 -6.63
CA TYR B 126 10.74 -9.01 -5.72
C TYR B 126 10.68 -9.68 -4.33
N ASN B 127 9.47 -9.84 -3.77
CA ASN B 127 9.29 -10.31 -2.39
C ASN B 127 9.30 -11.83 -2.21
N LYS B 128 9.29 -12.51 -3.35
CA LYS B 128 9.20 -13.97 -3.43
C LYS B 128 10.51 -14.73 -3.55
N PRO B 129 10.47 -16.01 -3.18
CA PRO B 129 11.60 -16.93 -3.31
C PRO B 129 11.81 -17.39 -4.72
N ASN B 130 13.05 -17.79 -5.00
CA ASN B 130 13.47 -18.14 -6.34
C ASN B 130 12.65 -19.26 -6.99
N SER B 131 11.86 -19.97 -6.20
CA SER B 131 11.06 -21.05 -6.77
C SER B 131 9.76 -20.54 -7.40
N GLU B 132 9.41 -19.30 -7.09
CA GLU B 132 8.18 -18.68 -7.60
C GLU B 132 8.42 -17.90 -8.91
N PHE B 133 9.68 -17.82 -9.30
CA PHE B 133 10.08 -17.11 -10.51
C PHE B 133 9.58 -17.82 -11.77
N THR B 134 9.26 -17.01 -12.77
CA THR B 134 8.66 -17.41 -14.04
C THR B 134 9.66 -17.73 -15.15
N TYR B 135 10.92 -17.95 -14.77
CA TYR B 135 11.98 -18.29 -15.71
C TYR B 135 11.50 -19.31 -16.73
N GLU B 136 11.98 -19.21 -17.96
CA GLU B 136 11.71 -20.30 -18.88
C GLU B 136 12.19 -21.61 -18.24
N ARG B 137 11.28 -22.56 -18.06
CA ARG B 137 11.63 -23.83 -17.42
C ARG B 137 11.86 -25.02 -18.38
N ARG B 138 11.75 -24.79 -19.68
CA ARG B 138 11.97 -25.82 -20.70
C ARG B 138 13.41 -25.84 -21.13
N ASP B 139 14.01 -27.03 -21.19
CA ASP B 139 15.44 -27.10 -21.47
C ASP B 139 15.76 -27.16 -22.96
N ALA B 140 14.73 -26.98 -23.78
CA ALA B 140 14.93 -26.72 -25.20
C ALA B 140 15.28 -25.25 -25.48
N SER B 141 14.85 -24.37 -24.58
CA SER B 141 15.02 -22.93 -24.76
C SER B 141 16.32 -22.42 -24.15
N THR B 142 17.06 -21.63 -24.92
CA THR B 142 18.32 -21.07 -24.43
C THR B 142 18.09 -20.31 -23.14
N ALA B 143 16.85 -19.93 -22.91
CA ALA B 143 16.46 -19.06 -21.79
C ALA B 143 16.14 -19.87 -20.55
N TYR B 144 16.37 -21.18 -20.64
CA TYR B 144 16.11 -22.12 -19.56
C TYR B 144 16.96 -21.81 -18.31
N ILE B 145 16.29 -21.74 -17.17
CA ILE B 145 16.99 -21.71 -15.90
C ILE B 145 16.43 -22.85 -15.07
N PRO B 146 17.30 -23.64 -14.44
CA PRO B 146 16.73 -24.79 -13.74
C PRO B 146 16.11 -24.35 -12.43
N GLU B 147 15.28 -25.22 -11.88
CA GLU B 147 14.61 -24.94 -10.62
C GLU B 147 15.60 -24.69 -9.47
N GLY B 148 15.20 -23.85 -8.52
CA GLY B 148 16.03 -23.55 -7.37
C GLY B 148 17.29 -22.81 -7.79
N GLU B 149 17.21 -22.15 -8.94
CA GLU B 149 18.33 -21.39 -9.48
C GLU B 149 17.90 -19.93 -9.69
N GLY B 150 18.89 -19.04 -9.82
CA GLY B 150 18.61 -17.63 -10.03
C GLY B 150 18.40 -16.81 -8.76
N ARG B 151 18.78 -15.54 -8.84
CA ARG B 151 18.79 -14.58 -7.74
C ARG B 151 17.53 -13.71 -7.66
N TYR B 152 17.25 -12.94 -8.72
CA TYR B 152 16.04 -12.11 -8.83
C TYR B 152 15.24 -12.47 -10.07
N TYR B 153 13.98 -12.05 -10.12
CA TYR B 153 13.29 -11.98 -11.40
C TYR B 153 13.43 -10.55 -11.95
N TYR B 154 14.27 -10.44 -12.98
CA TYR B 154 14.57 -9.18 -13.66
C TYR B 154 13.49 -8.89 -14.69
N ALA B 155 12.98 -7.67 -14.69
CA ALA B 155 11.92 -7.29 -15.62
C ALA B 155 12.50 -7.03 -17.00
N GLY B 156 11.63 -7.09 -18.01
CA GLY B 156 12.04 -6.78 -19.37
C GLY B 156 11.97 -5.29 -19.69
N GLY B 157 11.06 -4.58 -19.03
CA GLY B 157 10.78 -3.20 -19.38
C GLY B 157 11.79 -2.13 -18.98
N LEU B 158 12.86 -2.51 -18.27
CA LEU B 158 13.99 -1.62 -18.09
C LEU B 158 15.31 -2.38 -18.05
N SER B 159 16.27 -1.92 -18.84
CA SER B 159 17.61 -2.49 -18.90
C SER B 159 18.52 -1.44 -19.45
N GLY B 160 19.83 -1.64 -19.31
CA GLY B 160 20.81 -0.74 -19.91
C GLY B 160 22.27 -1.04 -19.57
N GLY B 161 23.13 -0.03 -19.75
CA GLY B 161 24.53 -0.16 -19.38
C GLY B 161 25.49 0.63 -20.23
N CYS B 162 26.78 0.39 -20.03
CA CYS B 162 27.83 0.92 -20.88
C CYS B 162 27.46 0.59 -22.30
N THR B 163 27.59 1.55 -23.21
CA THR B 163 27.18 1.31 -24.59
C THR B 163 27.70 -0.03 -25.12
N LYS B 164 29.00 -0.25 -24.98
CA LYS B 164 29.63 -1.48 -25.45
C LYS B 164 29.07 -2.70 -24.75
N ALA B 165 28.84 -2.56 -23.44
CA ALA B 165 28.39 -3.69 -22.65
C ALA B 165 27.01 -4.20 -23.08
N TYR B 166 26.03 -3.31 -23.13
CA TYR B 166 24.66 -3.67 -23.49
C TYR B 166 24.54 -4.22 -24.91
N LEU B 167 25.31 -3.65 -25.84
CA LEU B 167 25.37 -4.09 -27.23
C LEU B 167 25.98 -5.47 -27.32
N LYS B 168 26.75 -5.86 -26.32
CA LYS B 168 27.28 -7.21 -26.25
C LYS B 168 26.21 -8.17 -25.76
N LEU B 169 25.26 -7.61 -25.03
CA LEU B 169 24.08 -8.35 -24.60
C LEU B 169 23.12 -8.52 -25.79
N CYS B 170 22.85 -7.42 -26.48
CA CYS B 170 21.93 -7.44 -27.61
C CYS B 170 22.30 -8.52 -28.60
N THR B 171 23.57 -8.54 -29.00
CA THR B 171 24.01 -9.50 -30.01
C THR B 171 23.92 -10.92 -29.47
N THR B 172 24.31 -11.09 -28.21
CA THR B 172 24.20 -12.39 -27.57
C THR B 172 22.77 -12.91 -27.57
N ILE B 173 21.91 -12.21 -26.85
CA ILE B 173 20.51 -12.57 -26.73
C ILE B 173 19.79 -12.67 -28.07
N CYS B 174 20.19 -11.84 -29.05
CA CYS B 174 19.66 -11.89 -30.41
C CYS B 174 19.91 -13.27 -31.04
N SER B 175 21.12 -13.80 -30.90
CA SER B 175 21.45 -15.09 -31.51
C SER B 175 20.72 -16.25 -30.81
N TRP B 176 20.29 -16.02 -29.58
CA TRP B 176 19.46 -17.00 -28.88
C TRP B 176 18.06 -17.03 -29.48
N VAL B 177 17.44 -15.87 -29.64
CA VAL B 177 16.09 -15.79 -30.19
C VAL B 177 16.00 -16.54 -31.51
N ASP B 178 17.09 -16.45 -32.30
CA ASP B 178 17.16 -17.07 -33.62
C ASP B 178 17.23 -18.58 -33.46
N ARG B 179 17.94 -19.02 -32.45
CA ARG B 179 18.17 -20.43 -32.20
C ARG B 179 16.93 -21.11 -31.62
N ASP B 180 16.29 -20.43 -30.69
CA ASP B 180 15.02 -20.92 -30.16
C ASP B 180 14.02 -21.05 -31.29
N ALA B 181 14.20 -20.23 -32.31
CA ALA B 181 13.34 -20.18 -33.49
C ALA B 181 13.54 -21.40 -34.39
N THR B 182 14.79 -21.73 -34.67
CA THR B 182 15.11 -22.92 -35.45
C THR B 182 14.75 -24.17 -34.65
N ASN B 183 14.52 -23.99 -33.34
CA ASN B 183 14.01 -25.06 -32.50
C ASN B 183 12.50 -24.99 -32.28
N HIS B 184 11.87 -24.02 -32.95
CA HIS B 184 10.43 -23.78 -32.87
C HIS B 184 9.97 -23.33 -31.48
N ILE B 185 10.90 -22.77 -30.70
CA ILE B 185 10.59 -22.38 -29.32
C ILE B 185 10.46 -20.87 -29.17
N ILE B 186 9.40 -20.46 -28.49
CA ILE B 186 9.25 -19.07 -28.11
C ILE B 186 9.22 -19.00 -26.59
N PRO B 187 10.28 -18.42 -26.01
CA PRO B 187 10.41 -18.38 -24.55
C PRO B 187 9.14 -17.88 -23.86
N ILE B 188 8.74 -18.55 -22.80
CA ILE B 188 7.45 -18.31 -22.17
C ILE B 188 7.16 -16.84 -22.00
N TRP B 189 8.14 -16.13 -21.49
CA TRP B 189 8.10 -14.66 -21.38
C TRP B 189 8.92 -13.84 -22.40
N HIS B 190 9.41 -14.51 -23.43
CA HIS B 190 10.12 -13.83 -24.50
C HIS B 190 11.34 -13.13 -23.87
N ASP B 191 11.65 -11.95 -24.36
CA ASP B 191 12.92 -11.32 -24.09
C ASP B 191 13.18 -11.17 -22.59
N GLU B 192 12.12 -11.28 -21.80
CA GLU B 192 12.23 -11.13 -20.35
C GLU B 192 12.81 -12.39 -19.80
N SER B 193 12.27 -13.51 -20.25
CA SER B 193 12.80 -14.81 -19.88
C SER B 193 14.27 -14.92 -20.27
N LEU B 194 14.58 -14.44 -21.47
CA LEU B 194 15.92 -14.56 -22.02
C LEU B 194 16.92 -13.65 -21.34
N ILE B 195 16.49 -12.43 -21.03
CA ILE B 195 17.37 -11.53 -20.32
C ILE B 195 17.59 -11.98 -18.87
N ASN B 196 16.70 -12.81 -18.35
CA ASN B 196 16.88 -13.39 -17.01
C ASN B 196 17.96 -14.46 -16.97
N LYS B 197 18.03 -15.24 -18.04
CA LYS B 197 19.13 -16.18 -18.27
C LYS B 197 20.46 -15.43 -18.42
N TYR B 198 20.51 -14.42 -19.28
CA TYR B 198 21.76 -13.66 -19.44
C TYR B 198 22.29 -13.16 -18.11
N PHE B 199 21.45 -12.43 -17.39
CA PHE B 199 21.83 -11.87 -16.10
C PHE B 199 22.11 -12.96 -15.07
N LEU B 200 21.75 -14.20 -15.41
CA LEU B 200 22.12 -15.33 -14.56
C LEU B 200 23.62 -15.56 -14.69
N ASP B 201 24.05 -15.78 -15.93
CA ASP B 201 25.47 -15.91 -16.26
C ASP B 201 26.22 -14.62 -16.02
N ASN B 202 25.59 -13.50 -16.33
CA ASN B 202 26.24 -12.22 -16.21
C ASN B 202 25.52 -11.28 -15.26
N PRO B 203 25.60 -11.56 -13.96
CA PRO B 203 24.91 -10.74 -12.96
C PRO B 203 25.23 -9.28 -13.20
N PRO B 204 24.22 -8.42 -13.26
CA PRO B 204 24.48 -7.03 -13.66
C PRO B 204 25.23 -6.26 -12.60
N ALA B 205 26.10 -5.37 -13.04
CA ALA B 205 26.76 -4.46 -12.11
C ALA B 205 25.77 -3.65 -11.28
N ILE B 206 24.59 -3.37 -11.82
CA ILE B 206 23.52 -2.74 -11.03
C ILE B 206 22.20 -3.48 -11.11
N THR B 207 21.48 -3.45 -10.01
CA THR B 207 20.11 -3.92 -9.99
C THR B 207 19.25 -2.88 -9.29
N LEU B 208 18.28 -2.35 -10.03
CA LEU B 208 17.37 -1.41 -9.44
C LEU B 208 16.27 -2.14 -8.69
N SER B 209 15.70 -1.46 -7.69
CA SER B 209 14.49 -1.97 -7.07
C SER B 209 13.30 -1.68 -7.98
N PRO B 210 12.19 -2.37 -7.77
CA PRO B 210 10.95 -2.10 -8.50
C PRO B 210 10.49 -0.65 -8.37
N ALA B 211 11.07 0.15 -7.48
CA ALA B 211 10.80 1.59 -7.46
C ALA B 211 10.96 2.13 -8.87
N TYR B 212 11.81 1.43 -9.63
CA TYR B 212 12.06 1.78 -11.02
C TYR B 212 11.22 1.13 -12.12
N LEU B 213 10.51 0.03 -11.84
CA LEU B 213 9.34 -0.31 -12.67
C LEU B 213 8.13 -0.48 -11.77
N TYR B 214 7.32 0.55 -11.63
CA TYR B 214 6.32 0.52 -10.57
C TYR B 214 4.92 0.63 -11.14
N PRO B 215 4.16 -0.47 -11.10
CA PRO B 215 2.85 -0.54 -11.74
C PRO B 215 1.89 0.48 -11.19
N GLU B 216 1.26 1.27 -12.06
CA GLU B 216 0.32 2.28 -11.62
C GLU B 216 -0.84 1.62 -10.89
N GLY B 217 -1.28 2.22 -9.79
CA GLY B 217 -2.41 1.69 -9.05
C GLY B 217 -2.01 0.58 -8.07
N TRP B 218 -0.72 0.40 -7.87
CA TRP B 218 -0.22 -0.64 -6.99
C TRP B 218 0.23 -0.05 -5.68
N LEU B 219 0.16 -0.83 -4.62
CA LEU B 219 0.77 -0.41 -3.37
C LEU B 219 1.97 -1.31 -3.08
N LEU B 220 3.18 -0.79 -3.28
CA LEU B 220 4.37 -1.61 -3.10
C LEU B 220 5.20 -0.92 -2.03
N PRO B 221 6.27 -1.59 -1.58
CA PRO B 221 7.17 -1.06 -0.57
C PRO B 221 8.39 -0.38 -1.18
N PHE B 222 8.12 0.50 -2.15
CA PHE B 222 9.14 1.31 -2.79
C PHE B 222 8.43 2.56 -3.23
N GLU B 223 9.22 3.60 -3.51
CA GLU B 223 8.67 4.82 -4.09
C GLU B 223 8.49 4.62 -5.58
N PRO B 224 7.32 5.01 -6.12
CA PRO B 224 7.31 4.94 -7.58
C PRO B 224 8.23 6.01 -8.13
N ILE B 225 9.27 5.64 -8.88
CA ILE B 225 10.19 6.62 -9.44
C ILE B 225 9.91 6.69 -10.93
N ILE B 226 10.05 5.52 -11.55
CA ILE B 226 9.52 5.25 -12.86
C ILE B 226 8.20 4.45 -12.73
N LEU B 227 7.11 5.04 -13.21
CA LEU B 227 5.78 4.46 -13.11
C LEU B 227 5.49 3.69 -14.39
N ILE B 228 4.74 2.59 -14.32
CA ILE B 228 4.23 2.01 -15.56
C ILE B 228 2.78 2.42 -15.70
N ARG B 229 2.52 3.36 -16.60
CA ARG B 229 1.16 3.84 -16.78
C ARG B 229 0.41 2.65 -17.29
N ASP B 230 -0.77 2.39 -16.75
CA ASP B 230 -1.61 1.33 -17.27
C ASP B 230 -2.42 1.83 -18.45
N LYS B 231 -2.85 0.92 -19.30
CA LYS B 231 -3.57 1.28 -20.50
C LYS B 231 -5.10 1.18 -20.34
N ASN B 232 -5.80 2.31 -20.43
CA ASN B 232 -7.27 2.32 -20.54
C ASN B 232 -7.86 3.20 -21.66
N LYS B 233 -7.87 4.52 -21.45
CA LYS B 233 -8.50 5.49 -22.37
C LYS B 233 -7.80 5.77 -23.74
N PRO B 234 -6.51 6.16 -23.74
CA PRO B 234 -5.61 5.89 -24.85
C PRO B 234 -5.51 4.38 -25.06
N GLN B 235 -4.64 3.95 -25.97
CA GLN B 235 -4.57 2.54 -26.36
C GLN B 235 -3.16 1.93 -26.32
N MET C 1 -24.98 18.11 -19.74
CA MET C 1 -25.08 19.27 -20.64
C MET C 1 -24.23 20.45 -20.14
N ARG C 2 -24.71 21.19 -19.14
CA ARG C 2 -23.94 22.34 -18.64
C ARG C 2 -23.46 22.20 -17.17
N ILE C 3 -22.21 22.57 -16.90
CA ILE C 3 -21.55 22.22 -15.63
C ILE C 3 -21.19 23.39 -14.71
N GLY C 4 -21.92 23.54 -13.60
CA GLY C 4 -21.57 24.52 -12.58
C GLY C 4 -20.39 24.18 -11.66
N ILE C 5 -19.49 25.14 -11.48
CA ILE C 5 -18.35 24.99 -10.59
C ILE C 5 -18.46 25.96 -9.41
N LEU C 6 -18.39 25.44 -8.18
CA LEU C 6 -18.29 26.29 -7.00
C LEU C 6 -16.83 26.44 -6.58
N TYR C 7 -16.41 27.67 -6.32
CA TYR C 7 -15.02 27.98 -5.99
C TYR C 7 -14.94 29.03 -4.87
N ILE C 8 -14.11 28.76 -3.86
CA ILE C 8 -13.93 29.72 -2.77
C ILE C 8 -12.51 30.29 -2.66
N CYS C 9 -12.37 31.58 -3.00
CA CYS C 9 -11.10 32.33 -2.83
C CYS C 9 -10.97 33.40 -1.76
N THR C 10 -11.90 33.52 -0.83
CA THR C 10 -11.81 34.60 0.15
C THR C 10 -10.43 34.69 0.75
N GLY C 11 -9.91 35.92 0.85
CA GLY C 11 -8.56 36.17 1.30
C GLY C 11 -7.52 36.19 0.20
N LYS C 12 -6.33 35.69 0.53
CA LYS C 12 -5.17 35.68 -0.38
C LYS C 12 -5.17 34.45 -1.27
N TYR C 13 -6.26 33.68 -1.18
CA TYR C 13 -6.46 32.47 -1.98
C TYR C 13 -7.01 32.75 -3.39
N ASP C 14 -7.17 34.02 -3.74
CA ASP C 14 -7.60 34.36 -5.07
C ASP C 14 -6.43 34.44 -6.04
N ILE C 15 -5.22 34.14 -5.57
CA ILE C 15 -4.08 34.07 -6.47
C ILE C 15 -4.12 32.76 -7.22
N PHE C 16 -4.80 31.79 -6.64
CA PHE C 16 -4.99 30.50 -7.30
C PHE C 16 -5.98 30.60 -8.44
N TRP C 17 -6.95 31.51 -8.29
CA TRP C 17 -8.05 31.57 -9.24
C TRP C 17 -7.54 31.56 -10.67
N LYS C 18 -6.56 32.41 -10.98
CA LYS C 18 -6.10 32.51 -12.35
C LYS C 18 -5.84 31.15 -12.99
N ASP C 19 -4.79 30.47 -12.54
CA ASP C 19 -4.33 29.23 -13.17
C ASP C 19 -5.37 28.10 -13.08
N PHE C 20 -6.12 28.08 -12.00
CA PHE C 20 -7.20 27.12 -11.91
C PHE C 20 -8.07 27.33 -13.13
N TYR C 21 -8.58 28.56 -13.24
CA TYR C 21 -9.48 28.95 -14.30
C TYR C 21 -8.94 28.65 -15.71
N LEU C 22 -7.68 29.02 -15.95
CA LEU C 22 -7.05 28.72 -17.22
C LEU C 22 -7.07 27.23 -17.57
N SER C 23 -6.77 26.40 -16.59
CA SER C 23 -6.66 24.95 -16.81
C SER C 23 -8.01 24.35 -17.02
N ALA C 24 -9.01 24.91 -16.33
CA ALA C 24 -10.38 24.42 -16.47
C ALA C 24 -10.76 24.63 -17.91
N GLU C 25 -10.55 25.84 -18.39
CA GLU C 25 -10.78 26.13 -19.80
C GLU C 25 -10.09 25.10 -20.69
N ARG C 26 -8.85 24.77 -20.39
CA ARG C 26 -8.03 23.94 -21.27
C ARG C 26 -8.38 22.47 -21.21
N TYR C 27 -8.92 22.06 -20.07
CA TYR C 27 -8.98 20.65 -19.68
C TYR C 27 -10.37 20.21 -19.30
N PHE C 28 -10.94 20.93 -18.34
CA PHE C 28 -12.20 20.50 -17.78
C PHE C 28 -13.37 20.58 -18.74
N MET C 29 -13.99 19.44 -19.00
CA MET C 29 -15.27 19.40 -19.69
C MET C 29 -15.30 20.04 -21.07
N GLN C 30 -14.40 19.67 -21.97
CA GLN C 30 -14.58 20.25 -23.28
C GLN C 30 -14.92 19.21 -24.36
N ASP C 31 -16.22 18.94 -24.55
CA ASP C 31 -16.74 18.22 -25.72
C ASP C 31 -17.55 19.13 -26.65
N GLN C 32 -17.76 20.38 -26.18
CA GLN C 32 -18.70 21.36 -26.77
C GLN C 32 -20.18 21.19 -26.40
N SER C 33 -20.54 20.05 -25.81
CA SER C 33 -21.92 19.87 -25.39
C SER C 33 -21.97 20.20 -23.92
N PHE C 34 -20.82 20.69 -23.42
CA PHE C 34 -20.69 21.20 -22.06
C PHE C 34 -20.51 22.71 -22.07
N ILE C 35 -21.22 23.37 -21.16
CA ILE C 35 -21.00 24.79 -20.92
C ILE C 35 -20.64 24.98 -19.46
N ILE C 36 -19.40 25.35 -19.18
CA ILE C 36 -19.00 25.56 -17.80
C ILE C 36 -19.57 26.86 -17.27
N GLU C 37 -20.01 26.84 -16.01
CA GLU C 37 -20.45 28.06 -15.30
C GLU C 37 -19.68 28.19 -13.98
N TYR C 38 -18.88 29.24 -13.84
CA TYR C 38 -18.03 29.41 -12.67
C TYR C 38 -18.66 30.28 -11.59
N TYR C 39 -19.01 29.71 -10.44
CA TYR C 39 -19.58 30.50 -9.35
C TYR C 39 -18.55 30.68 -8.22
N VAL C 40 -18.00 31.88 -8.14
CA VAL C 40 -16.83 32.12 -7.31
C VAL C 40 -17.23 32.95 -6.11
N PHE C 41 -16.85 32.48 -4.92
CA PHE C 41 -17.19 33.16 -3.69
C PHE C 41 -15.95 33.80 -3.11
N THR C 42 -15.90 35.13 -3.20
CA THR C 42 -14.67 35.83 -2.90
C THR C 42 -14.97 37.24 -2.42
N ASP C 43 -14.05 37.79 -1.65
CA ASP C 43 -14.12 39.18 -1.26
C ASP C 43 -13.22 40.00 -2.16
N SER C 44 -12.60 39.35 -3.15
CA SER C 44 -11.72 40.06 -4.07
C SER C 44 -12.50 40.90 -5.09
N PRO C 45 -12.07 42.16 -5.29
CA PRO C 45 -12.75 43.17 -6.13
C PRO C 45 -12.64 42.91 -7.64
N LYS C 46 -11.66 42.12 -8.06
CA LYS C 46 -11.64 41.67 -9.44
C LYS C 46 -11.00 40.28 -9.61
N LEU C 47 -11.61 39.47 -10.47
CA LEU C 47 -11.12 38.13 -10.74
C LEU C 47 -10.49 38.11 -12.13
N TYR C 48 -9.42 37.34 -12.30
CA TYR C 48 -8.79 37.21 -13.61
C TYR C 48 -9.83 36.89 -14.66
N ASP C 49 -9.74 37.55 -15.83
CA ASP C 49 -10.57 37.25 -17.01
C ASP C 49 -12.06 37.53 -16.85
N GLU C 50 -12.44 37.99 -15.66
CA GLU C 50 -13.83 38.30 -15.33
C GLU C 50 -14.50 39.16 -16.40
N GLU C 51 -13.72 40.12 -16.92
CA GLU C 51 -14.19 41.09 -17.89
C GLU C 51 -14.33 40.50 -19.30
N ASN C 52 -13.54 39.48 -19.61
CA ASN C 52 -13.63 38.77 -20.88
C ASN C 52 -14.53 37.48 -20.86
N ASN C 53 -15.08 37.11 -19.70
CA ASN C 53 -16.00 35.96 -19.63
C ASN C 53 -17.17 36.18 -18.68
N LYS C 54 -18.40 35.97 -19.15
CA LYS C 54 -19.57 36.16 -18.31
C LYS C 54 -20.01 34.84 -17.69
N HIS C 55 -19.31 33.78 -18.09
CA HIS C 55 -19.45 32.48 -17.45
C HIS C 55 -18.83 32.54 -16.07
N ILE C 56 -18.22 33.67 -15.75
CA ILE C 56 -17.62 33.87 -14.46
C ILE C 56 -18.54 34.74 -13.61
N HIS C 57 -19.26 34.12 -12.69
CA HIS C 57 -20.17 34.87 -11.86
C HIS C 57 -19.50 34.99 -10.50
N ARG C 58 -19.00 36.19 -10.20
CA ARG C 58 -18.31 36.44 -8.94
C ARG C 58 -19.36 36.63 -7.87
N ILE C 59 -19.22 35.95 -6.75
CA ILE C 59 -20.21 36.09 -5.69
C ILE C 59 -19.58 36.73 -4.45
N LYS C 60 -19.90 37.99 -4.19
CA LYS C 60 -19.28 38.66 -3.08
C LYS C 60 -19.48 37.75 -1.89
N GLN C 61 -18.38 37.45 -1.20
CA GLN C 61 -18.48 36.66 0.01
C GLN C 61 -17.48 37.14 1.02
N LYS C 62 -17.91 37.30 2.27
CA LYS C 62 -17.00 37.57 3.40
C LYS C 62 -15.84 36.61 3.57
N ASN C 63 -14.72 37.10 4.09
CA ASN C 63 -13.78 36.18 4.73
C ASN C 63 -14.38 35.85 6.09
N LEU C 64 -14.68 34.58 6.34
CA LEU C 64 -15.36 34.19 7.58
C LEU C 64 -14.36 33.80 8.67
N GLY C 65 -13.08 33.78 8.30
CA GLY C 65 -12.02 33.41 9.20
C GLY C 65 -12.08 31.90 9.41
N TRP C 66 -10.97 31.32 9.83
CA TRP C 66 -10.89 29.89 10.10
C TRP C 66 -11.50 29.58 11.46
N PRO C 67 -12.13 28.40 11.61
CA PRO C 67 -12.48 27.37 10.63
C PRO C 67 -13.66 27.74 9.75
N ASP C 68 -14.45 28.74 10.14
CA ASP C 68 -15.71 28.99 9.44
C ASP C 68 -15.59 29.20 7.94
N ASN C 69 -14.39 29.52 7.48
CA ASN C 69 -14.11 29.58 6.06
C ASN C 69 -14.45 28.27 5.38
N THR C 70 -13.82 27.20 5.83
CA THR C 70 -14.03 25.88 5.24
C THR C 70 -15.29 25.18 5.77
N LEU C 71 -15.74 25.59 6.94
CA LEU C 71 -16.83 24.89 7.61
C LEU C 71 -18.17 25.30 7.01
N LYS C 72 -18.26 26.59 6.65
CA LYS C 72 -19.53 27.22 6.24
C LYS C 72 -19.85 27.12 4.74
N ARG C 73 -19.07 26.31 4.02
CA ARG C 73 -19.19 26.20 2.56
C ARG C 73 -20.63 26.14 2.08
N PHE C 74 -21.44 25.33 2.74
CA PHE C 74 -22.76 25.01 2.26
C PHE C 74 -23.80 26.11 2.50
N HIS C 75 -23.75 26.75 3.67
CA HIS C 75 -24.55 27.94 3.91
C HIS C 75 -24.29 28.92 2.77
N ILE C 76 -23.00 29.16 2.54
CA ILE C 76 -22.51 30.05 1.50
C ILE C 76 -23.06 29.68 0.10
N PHE C 77 -22.85 28.43 -0.31
CA PHE C 77 -23.40 27.92 -1.57
C PHE C 77 -24.92 28.03 -1.64
N LEU C 78 -25.57 27.84 -0.50
CA LEU C 78 -27.02 27.83 -0.40
C LEU C 78 -27.60 29.24 -0.24
N ARG C 79 -26.73 30.24 -0.41
CA ARG C 79 -27.20 31.62 -0.61
C ARG C 79 -27.70 31.80 -2.04
N ILE C 80 -26.99 31.21 -3.00
CA ILE C 80 -27.34 31.30 -4.42
C ILE C 80 -28.20 30.15 -4.97
N LYS C 81 -28.78 29.34 -4.07
CA LYS C 81 -29.47 28.09 -4.42
C LYS C 81 -30.43 28.09 -5.63
N GLU C 82 -31.36 29.03 -5.74
CA GLU C 82 -32.26 29.02 -6.91
C GLU C 82 -31.58 29.30 -8.23
N GLN C 83 -30.69 30.30 -8.24
CA GLN C 83 -30.00 30.65 -9.46
C GLN C 83 -29.24 29.45 -9.98
N LEU C 84 -28.88 28.55 -9.07
CA LEU C 84 -28.15 27.34 -9.44
C LEU C 84 -29.06 26.24 -10.00
N GLU C 85 -30.22 26.05 -9.39
CA GLU C 85 -31.19 25.06 -9.87
C GLU C 85 -31.45 25.37 -11.34
N ARG C 86 -31.61 26.65 -11.62
CA ARG C 86 -31.93 27.16 -12.94
C ARG C 86 -30.77 27.02 -13.91
N GLU C 87 -29.65 27.57 -13.49
CA GLU C 87 -28.51 27.71 -14.36
C GLU C 87 -27.65 26.45 -14.39
N THR C 88 -27.94 25.48 -13.52
CA THR C 88 -27.11 24.25 -13.41
C THR C 88 -27.77 22.88 -13.57
N ASP C 89 -27.13 22.04 -14.39
CA ASP C 89 -27.34 20.59 -14.39
C ASP C 89 -26.44 19.84 -13.37
N TYR C 90 -25.17 20.20 -13.32
CA TYR C 90 -24.26 19.56 -12.38
C TYR C 90 -23.60 20.62 -11.53
N LEU C 91 -23.01 20.18 -10.43
CA LEU C 91 -22.29 21.06 -9.54
C LEU C 91 -21.04 20.34 -9.07
N PHE C 92 -19.89 20.99 -9.19
CA PHE C 92 -18.64 20.41 -8.75
C PHE C 92 -17.87 21.41 -7.91
N PHE C 93 -17.65 21.12 -6.63
CA PHE C 93 -16.84 22.01 -5.84
C PHE C 93 -15.37 21.66 -5.95
N PHE C 94 -14.55 22.70 -6.10
CA PHE C 94 -13.10 22.54 -6.17
C PHE C 94 -12.35 23.39 -5.15
N ASN C 95 -11.41 22.76 -4.47
CA ASN C 95 -10.49 23.49 -3.61
C ASN C 95 -9.66 24.50 -4.37
N ALA C 96 -9.47 25.68 -3.79
CA ALA C 96 -8.88 26.79 -4.52
C ALA C 96 -7.59 26.41 -5.24
N ASN C 97 -6.76 25.62 -4.58
CA ASN C 97 -5.41 25.39 -5.08
C ASN C 97 -5.26 24.25 -6.04
N LEU C 98 -6.39 23.71 -6.48
CA LEU C 98 -6.46 22.63 -7.47
C LEU C 98 -6.15 23.13 -8.88
N LEU C 99 -5.39 22.35 -9.65
CA LEU C 99 -5.04 22.73 -11.01
C LEU C 99 -5.15 21.53 -11.96
N PHE C 100 -5.79 21.73 -13.12
CA PHE C 100 -5.90 20.63 -14.08
C PHE C 100 -4.63 20.46 -14.87
N THR C 101 -4.10 19.24 -14.87
CA THR C 101 -2.96 18.89 -15.68
C THR C 101 -3.29 18.09 -16.94
N SER C 102 -4.57 17.84 -17.16
CA SER C 102 -5.00 16.79 -18.10
C SER C 102 -6.53 16.72 -18.30
N PRO C 103 -6.99 16.43 -19.55
CA PRO C 103 -8.41 16.45 -19.95
C PRO C 103 -9.37 15.55 -19.17
N ILE C 104 -10.51 16.11 -18.82
CA ILE C 104 -11.53 15.42 -18.06
C ILE C 104 -12.89 15.52 -18.76
N GLY C 105 -13.46 14.36 -19.07
CA GLY C 105 -14.73 14.26 -19.77
C GLY C 105 -15.93 13.88 -18.92
N LYS C 106 -16.88 13.19 -19.57
CA LYS C 106 -18.11 12.74 -18.93
C LYS C 106 -17.89 11.54 -18.02
N GLU C 107 -16.71 10.94 -18.08
CA GLU C 107 -16.44 9.78 -17.24
C GLU C 107 -16.83 10.12 -15.81
N ILE C 108 -16.49 11.34 -15.38
CA ILE C 108 -16.75 11.73 -14.01
C ILE C 108 -18.23 12.01 -13.71
N LEU C 109 -19.08 11.97 -14.73
CA LEU C 109 -20.50 12.33 -14.57
C LEU C 109 -21.35 11.18 -14.03
N PRO C 110 -21.84 11.32 -12.79
CA PRO C 110 -22.68 10.28 -12.18
C PRO C 110 -23.95 10.10 -12.99
N PRO C 111 -24.30 8.84 -13.34
CA PRO C 111 -25.45 8.64 -14.21
C PRO C 111 -26.79 9.02 -13.55
N SER C 112 -27.86 8.96 -14.32
CA SER C 112 -29.16 9.42 -13.90
C SER C 112 -29.82 8.37 -13.01
N ASP C 113 -29.65 7.11 -13.42
CA ASP C 113 -30.14 5.97 -12.66
C ASP C 113 -29.56 5.95 -11.25
N SER C 114 -28.44 6.65 -11.06
CA SER C 114 -27.71 6.63 -9.80
C SER C 114 -28.16 7.70 -8.80
N ASN C 115 -27.56 7.69 -7.62
CA ASN C 115 -27.86 8.70 -6.62
C ASN C 115 -27.30 10.04 -7.05
N GLY C 116 -26.56 10.04 -8.15
CA GLY C 116 -26.02 11.24 -8.75
C GLY C 116 -24.87 11.90 -8.03
N LEU C 117 -24.13 11.15 -7.21
CA LEU C 117 -23.10 11.76 -6.34
C LEU C 117 -21.66 11.35 -6.71
N LEU C 118 -20.72 12.22 -6.34
CA LEU C 118 -19.28 12.01 -6.50
C LEU C 118 -18.43 12.57 -5.35
N GLY C 119 -17.42 11.83 -4.96
CA GLY C 119 -16.50 12.28 -3.92
C GLY C 119 -15.14 11.74 -4.31
N THR C 120 -14.07 12.26 -3.70
CA THR C 120 -12.76 11.75 -4.07
C THR C 120 -12.02 11.12 -2.90
N MET C 121 -11.26 10.08 -3.21
CA MET C 121 -10.42 9.42 -2.23
C MET C 121 -9.30 10.34 -1.84
N HIS C 122 -9.25 10.67 -0.56
CA HIS C 122 -8.26 11.59 -0.01
C HIS C 122 -6.89 10.94 -0.13
N PRO C 123 -5.89 11.70 -0.59
CA PRO C 123 -4.62 11.01 -0.88
C PRO C 123 -3.86 10.56 0.37
N GLY C 124 -4.04 11.25 1.48
CA GLY C 124 -3.36 10.86 2.69
C GLY C 124 -3.82 9.48 3.16
N PHE C 125 -5.06 9.12 2.85
CA PHE C 125 -5.64 7.86 3.32
C PHE C 125 -5.79 6.64 2.38
N TYR C 126 -5.50 6.78 1.09
CA TYR C 126 -5.83 5.70 0.15
C TYR C 126 -5.07 4.41 0.46
N ASN C 127 -3.93 4.53 1.13
CA ASN C 127 -3.07 3.40 1.48
C ASN C 127 -3.18 2.85 2.91
N LYS C 128 -4.16 3.35 3.66
CA LYS C 128 -4.31 2.97 5.08
C LYS C 128 -5.62 2.21 5.42
N PRO C 129 -5.57 1.36 6.46
CA PRO C 129 -6.73 0.59 6.96
C PRO C 129 -7.72 1.54 7.58
N ASN C 130 -8.97 1.14 7.77
CA ASN C 130 -9.98 2.14 8.13
C ASN C 130 -10.03 2.55 9.62
N SER C 131 -9.17 1.93 10.44
CA SER C 131 -8.90 2.40 11.80
C SER C 131 -8.14 3.72 11.79
N GLU C 132 -7.44 3.99 10.69
CA GLU C 132 -6.65 5.21 10.51
C GLU C 132 -7.48 6.38 10.05
N PHE C 133 -8.63 6.10 9.48
CA PHE C 133 -9.49 7.17 8.98
C PHE C 133 -9.76 8.17 10.09
N THR C 134 -9.78 9.44 9.70
CA THR C 134 -9.82 10.58 10.61
C THR C 134 -11.24 10.99 11.00
N TYR C 135 -12.22 10.13 10.71
CA TYR C 135 -13.63 10.50 10.88
C TYR C 135 -13.85 11.08 12.26
N GLU C 136 -14.80 12.00 12.36
CA GLU C 136 -15.20 12.51 13.66
C GLU C 136 -15.64 11.34 14.57
N ARG C 137 -14.98 11.19 15.71
CA ARG C 137 -15.31 10.07 16.59
C ARG C 137 -16.21 10.38 17.81
N ARG C 138 -16.56 11.64 17.99
CA ARG C 138 -17.43 12.02 19.11
C ARG C 138 -18.90 11.82 18.75
N ASP C 139 -19.59 10.96 19.50
CA ASP C 139 -20.96 10.53 19.17
C ASP C 139 -21.96 11.68 19.15
N ALA C 140 -21.69 12.68 19.98
CA ALA C 140 -22.48 13.91 20.01
C ALA C 140 -22.33 14.74 18.73
N SER C 141 -21.24 14.52 18.01
CA SER C 141 -21.06 15.14 16.69
C SER C 141 -21.97 14.46 15.65
N THR C 142 -22.65 15.27 14.83
CA THR C 142 -23.48 14.75 13.75
C THR C 142 -22.62 14.05 12.70
N ALA C 143 -21.32 14.35 12.72
CA ALA C 143 -20.34 13.80 11.79
C ALA C 143 -19.70 12.51 12.31
N TYR C 144 -20.14 12.10 13.49
CA TYR C 144 -19.64 10.89 14.12
C TYR C 144 -19.82 9.69 13.19
N ILE C 145 -18.76 8.92 13.01
CA ILE C 145 -18.87 7.60 12.42
C ILE C 145 -18.19 6.69 13.40
N PRO C 146 -18.82 5.54 13.68
CA PRO C 146 -18.33 4.57 14.66
C PRO C 146 -17.09 3.88 14.12
N GLU C 147 -16.30 3.27 14.98
CA GLU C 147 -15.06 2.66 14.53
C GLU C 147 -15.35 1.40 13.72
N GLY C 148 -14.34 0.92 13.00
CA GLY C 148 -14.50 -0.23 12.12
C GLY C 148 -15.45 0.03 10.96
N GLU C 149 -15.97 1.25 10.87
CA GLU C 149 -17.07 1.59 9.96
C GLU C 149 -16.64 2.57 8.87
N GLY C 150 -17.31 2.54 7.72
CA GLY C 150 -16.94 3.42 6.64
C GLY C 150 -16.08 2.73 5.60
N ARG C 151 -16.20 3.16 4.34
CA ARG C 151 -15.54 2.52 3.21
C ARG C 151 -14.21 3.19 2.86
N TYR C 152 -14.28 4.48 2.53
CA TYR C 152 -13.10 5.22 2.17
C TYR C 152 -13.05 6.50 2.97
N TYR C 153 -11.86 7.10 3.09
CA TYR C 153 -11.80 8.46 3.60
C TYR C 153 -11.86 9.40 2.41
N TYR C 154 -12.98 10.09 2.33
CA TYR C 154 -13.29 10.98 1.24
C TYR C 154 -12.76 12.36 1.56
N ALA C 155 -12.17 12.97 0.55
CA ALA C 155 -11.53 14.29 0.64
C ALA C 155 -12.54 15.43 0.53
N GLY C 156 -12.37 16.47 1.34
CA GLY C 156 -13.22 17.63 1.22
C GLY C 156 -12.96 18.35 -0.08
N GLY C 157 -11.75 18.16 -0.59
CA GLY C 157 -11.30 18.88 -1.76
C GLY C 157 -12.18 18.87 -2.99
N LEU C 158 -12.66 17.70 -3.40
CA LEU C 158 -13.35 17.59 -4.68
C LEU C 158 -14.62 16.76 -4.56
N SER C 159 -15.78 17.40 -4.72
CA SER C 159 -17.06 16.73 -4.57
C SER C 159 -18.16 17.41 -5.37
N GLY C 160 -19.10 16.60 -5.87
CA GLY C 160 -20.23 17.08 -6.67
C GLY C 160 -21.24 16.03 -7.09
N GLY C 161 -22.11 16.36 -8.05
CA GLY C 161 -23.09 15.43 -8.58
C GLY C 161 -24.26 16.16 -9.21
N CYS C 162 -25.27 15.44 -9.70
CA CYS C 162 -26.42 16.09 -10.35
C CYS C 162 -26.88 17.25 -9.48
N THR C 163 -27.18 18.38 -10.11
CA THR C 163 -27.40 19.60 -9.36
C THR C 163 -28.41 19.40 -8.24
N LYS C 164 -29.44 18.59 -8.53
CA LYS C 164 -30.46 18.27 -7.52
C LYS C 164 -29.93 17.42 -6.36
N ALA C 165 -29.15 16.40 -6.70
CA ALA C 165 -28.55 15.52 -5.72
C ALA C 165 -27.59 16.27 -4.78
N TYR C 166 -26.61 16.94 -5.35
CA TYR C 166 -25.58 17.62 -4.55
C TYR C 166 -26.17 18.74 -3.67
N LEU C 167 -27.27 19.34 -4.08
CA LEU C 167 -27.90 20.41 -3.30
C LEU C 167 -28.60 19.84 -2.07
N LYS C 168 -28.99 18.57 -2.14
CA LYS C 168 -29.58 17.93 -0.97
C LYS C 168 -28.46 17.69 0.04
N LEU C 169 -27.25 17.58 -0.48
CA LEU C 169 -26.07 17.38 0.33
C LEU C 169 -25.75 18.65 1.10
N CYS C 170 -26.11 19.79 0.52
CA CYS C 170 -25.87 21.11 1.12
C CYS C 170 -26.86 21.46 2.21
N THR C 171 -28.14 21.23 1.92
CA THR C 171 -29.19 21.45 2.91
C THR C 171 -29.03 20.46 4.05
N THR C 172 -28.72 19.21 3.72
CA THR C 172 -28.45 18.21 4.75
C THR C 172 -27.34 18.70 5.68
N ILE C 173 -26.13 18.75 5.16
CA ILE C 173 -24.97 19.08 5.98
C ILE C 173 -25.03 20.50 6.58
N CYS C 174 -25.81 21.39 5.98
CA CYS C 174 -25.98 22.73 6.54
C CYS C 174 -26.51 22.58 7.95
N SER C 175 -27.48 21.70 8.13
CA SER C 175 -28.12 21.52 9.43
C SER C 175 -27.23 20.86 10.47
N TRP C 176 -26.37 19.91 10.08
CA TRP C 176 -25.46 19.28 11.01
C TRP C 176 -24.49 20.33 11.56
N VAL C 177 -24.10 21.27 10.71
CA VAL C 177 -23.28 22.39 11.13
C VAL C 177 -24.06 23.16 12.18
N ASP C 178 -25.24 23.63 11.79
CA ASP C 178 -26.09 24.40 12.67
C ASP C 178 -26.33 23.66 14.01
N ARG C 179 -26.45 22.34 13.96
CA ARG C 179 -26.71 21.53 15.16
C ARG C 179 -25.49 21.31 16.07
N ASP C 180 -24.34 21.00 15.47
CA ASP C 180 -23.12 20.80 16.25
C ASP C 180 -22.73 22.07 16.99
N ALA C 181 -23.05 23.21 16.39
CA ALA C 181 -22.80 24.49 17.00
C ALA C 181 -23.60 24.64 18.28
N THR C 182 -24.92 24.53 18.15
CA THR C 182 -25.78 24.71 19.32
C THR C 182 -25.43 23.67 20.39
N ASN C 183 -24.64 22.67 20.01
CA ASN C 183 -24.07 21.76 21.00
C ASN C 183 -22.63 22.16 21.34
N HIS C 184 -22.12 23.21 20.70
CA HIS C 184 -20.73 23.66 20.83
C HIS C 184 -19.76 22.61 20.30
N ILE C 185 -20.17 21.92 19.24
CA ILE C 185 -19.29 20.95 18.63
C ILE C 185 -18.91 21.43 17.24
N ILE C 186 -17.61 21.46 16.98
CA ILE C 186 -17.11 21.70 15.63
C ILE C 186 -16.36 20.46 15.15
N PRO C 187 -16.93 19.76 14.14
CA PRO C 187 -16.39 18.46 13.71
C PRO C 187 -14.89 18.55 13.53
N ILE C 188 -14.17 17.52 13.95
CA ILE C 188 -12.71 17.57 14.01
C ILE C 188 -12.12 18.04 12.69
N TRP C 189 -12.59 17.47 11.59
CA TRP C 189 -12.24 17.95 10.25
C TRP C 189 -13.21 18.85 9.47
N HIS C 190 -14.21 19.37 10.18
CA HIS C 190 -15.12 20.36 9.63
C HIS C 190 -15.84 19.75 8.43
N ASP C 191 -16.04 20.57 7.39
CA ASP C 191 -16.83 20.18 6.22
C ASP C 191 -16.45 18.79 5.72
N GLU C 192 -15.20 18.39 5.93
CA GLU C 192 -14.71 17.12 5.44
C GLU C 192 -15.25 15.94 6.27
N SER C 193 -15.19 16.07 7.59
CA SER C 193 -15.78 15.06 8.46
C SER C 193 -17.28 14.94 8.22
N LEU C 194 -17.94 16.07 7.93
CA LEU C 194 -19.39 16.10 7.78
C LEU C 194 -19.83 15.48 6.46
N ILE C 195 -19.02 15.67 5.43
CA ILE C 195 -19.34 15.05 4.15
C ILE C 195 -19.04 13.57 4.25
N ASN C 196 -18.01 13.21 5.02
CA ASN C 196 -17.64 11.81 5.08
C ASN C 196 -18.74 11.00 5.70
N LYS C 197 -19.43 11.60 6.67
CA LYS C 197 -20.65 11.04 7.24
C LYS C 197 -21.65 10.85 6.13
N TYR C 198 -22.00 11.95 5.46
CA TYR C 198 -23.01 11.90 4.42
C TYR C 198 -22.69 10.85 3.36
N PHE C 199 -21.41 10.62 3.10
CA PHE C 199 -21.04 9.59 2.13
C PHE C 199 -21.14 8.17 2.67
N LEU C 200 -21.29 8.07 3.98
CA LEU C 200 -21.61 6.80 4.61
C LEU C 200 -23.11 6.50 4.42
N ASP C 201 -23.98 7.46 4.72
CA ASP C 201 -25.43 7.27 4.58
C ASP C 201 -25.84 7.19 3.13
N ASN C 202 -25.07 7.84 2.25
CA ASN C 202 -25.29 7.80 0.82
C ASN C 202 -23.96 7.59 0.14
N PRO C 203 -23.54 6.34 -0.01
CA PRO C 203 -22.31 6.11 -0.77
C PRO C 203 -22.41 6.76 -2.15
N PRO C 204 -21.43 7.58 -2.52
CA PRO C 204 -21.48 8.25 -3.83
C PRO C 204 -21.41 7.29 -5.02
N ALA C 205 -22.24 7.55 -6.02
CA ALA C 205 -22.28 6.78 -7.26
C ALA C 205 -20.91 6.65 -7.93
N ILE C 206 -20.14 7.74 -7.89
CA ILE C 206 -18.77 7.72 -8.40
C ILE C 206 -17.78 8.14 -7.30
N THR C 207 -16.70 7.39 -7.17
CA THR C 207 -15.64 7.71 -6.22
C THR C 207 -14.31 7.88 -6.98
N LEU C 208 -13.79 9.10 -6.99
CA LEU C 208 -12.57 9.42 -7.74
C LEU C 208 -11.31 9.05 -6.97
N SER C 209 -10.35 8.45 -7.67
CA SER C 209 -9.08 8.06 -7.07
C SER C 209 -8.28 9.32 -6.66
N PRO C 210 -7.23 9.13 -5.85
CA PRO C 210 -6.42 10.27 -5.43
C PRO C 210 -5.67 10.96 -6.60
N ALA C 211 -5.54 10.28 -7.75
CA ALA C 211 -4.94 10.90 -8.93
C ALA C 211 -5.65 12.22 -9.25
N TYR C 212 -6.89 12.34 -8.76
CA TYR C 212 -7.71 13.55 -8.82
C TYR C 212 -7.51 14.56 -7.68
N LEU C 213 -6.83 14.18 -6.60
CA LEU C 213 -6.23 15.20 -5.77
C LEU C 213 -4.83 14.74 -5.52
N TYR C 214 -3.88 15.32 -6.22
CA TYR C 214 -2.52 14.81 -6.14
C TYR C 214 -1.69 15.89 -5.48
N PRO C 215 -1.20 15.60 -4.28
CA PRO C 215 -0.43 16.65 -3.61
C PRO C 215 0.86 16.92 -4.36
N GLU C 216 1.12 18.19 -4.59
CA GLU C 216 2.28 18.56 -5.35
C GLU C 216 3.53 18.26 -4.56
N GLY C 217 4.42 17.47 -5.15
CA GLY C 217 5.66 17.18 -4.47
C GLY C 217 5.53 15.98 -3.55
N TRP C 218 4.61 15.09 -3.87
CA TRP C 218 4.56 13.82 -3.17
C TRP C 218 4.87 12.83 -4.25
N LEU C 219 5.24 11.62 -3.86
CA LEU C 219 5.27 10.51 -4.78
C LEU C 219 4.09 9.55 -4.54
N LEU C 220 3.12 9.59 -5.44
CA LEU C 220 1.97 8.72 -5.39
C LEU C 220 2.15 7.81 -6.58
N PRO C 221 1.59 6.59 -6.48
CA PRO C 221 1.75 5.60 -7.55
C PRO C 221 0.65 5.76 -8.59
N PHE C 222 0.43 7.00 -9.00
CA PHE C 222 -0.50 7.31 -10.06
C PHE C 222 0.14 8.32 -11.00
N GLU C 223 -0.41 8.42 -12.21
CA GLU C 223 -0.23 9.61 -12.98
C GLU C 223 -1.14 10.66 -12.35
N PRO C 224 -0.64 11.88 -12.15
CA PRO C 224 -1.56 12.86 -11.59
C PRO C 224 -2.61 13.25 -12.62
N ILE C 225 -3.80 13.58 -12.17
CA ILE C 225 -4.77 14.19 -13.09
C ILE C 225 -5.03 15.65 -12.72
N ILE C 226 -5.63 15.88 -11.56
CA ILE C 226 -5.66 17.21 -10.95
C ILE C 226 -4.62 17.25 -9.86
N LEU C 227 -3.98 18.40 -9.67
CA LEU C 227 -2.85 18.53 -8.76
C LEU C 227 -3.22 19.48 -7.64
N ILE C 228 -2.65 19.29 -6.46
CA ILE C 228 -2.90 20.29 -5.42
C ILE C 228 -1.69 21.19 -5.30
N ARG C 229 -1.81 22.39 -5.85
CA ARG C 229 -0.71 23.34 -5.80
C ARG C 229 -0.29 23.64 -4.35
N ASP C 230 1.00 23.49 -4.08
CA ASP C 230 1.60 23.73 -2.77
C ASP C 230 1.53 25.21 -2.42
N LYS C 231 1.22 25.56 -1.18
CA LYS C 231 1.14 26.99 -0.86
C LYS C 231 2.46 27.60 -0.29
N ASN C 232 3.13 28.37 -1.15
CA ASN C 232 4.30 29.20 -0.86
C ASN C 232 4.83 29.81 -2.17
N LYS C 233 5.56 30.93 -2.07
CA LYS C 233 6.20 31.51 -3.25
C LYS C 233 7.72 31.40 -3.19
N MET D 1 29.94 -1.79 23.81
CA MET D 1 29.64 -3.17 24.15
C MET D 1 28.16 -3.34 24.43
N ARG D 2 27.67 -2.55 25.38
CA ARG D 2 26.44 -2.86 26.10
C ARG D 2 25.26 -1.96 25.74
N ILE D 3 24.29 -2.53 25.02
CA ILE D 3 23.15 -1.79 24.46
C ILE D 3 21.93 -1.84 25.36
N GLY D 4 21.60 -0.71 26.00
CA GLY D 4 20.41 -0.63 26.85
C GLY D 4 19.07 -0.58 26.11
N ILE D 5 18.13 -1.45 26.43
CA ILE D 5 16.78 -1.31 25.88
C ILE D 5 15.83 -0.77 26.92
N LEU D 6 15.33 0.44 26.69
CA LEU D 6 14.31 1.02 27.55
C LEU D 6 12.95 0.55 27.08
N TYR D 7 12.14 0.06 28.01
CA TYR D 7 10.84 -0.52 27.69
C TYR D 7 9.80 -0.19 28.78
N ILE D 8 8.69 0.42 28.41
CA ILE D 8 7.68 0.72 29.42
C ILE D 8 6.38 0.01 29.08
N CYS D 9 5.97 -0.95 29.92
CA CYS D 9 4.63 -1.52 29.82
C CYS D 9 3.94 -1.70 31.18
N THR D 10 2.92 -0.92 31.45
CA THR D 10 2.23 -1.00 32.72
C THR D 10 0.75 -1.17 32.47
N GLY D 11 0.09 -2.03 33.25
CA GLY D 11 -1.27 -2.43 32.92
C GLY D 11 -1.30 -3.48 31.82
N LYS D 12 -2.31 -3.40 30.95
CA LYS D 12 -2.56 -4.41 29.90
C LYS D 12 -1.39 -4.65 28.95
N TYR D 13 -0.52 -3.67 28.79
CA TYR D 13 0.51 -3.66 27.76
C TYR D 13 1.59 -4.72 27.85
N ASP D 14 1.62 -5.50 28.92
CA ASP D 14 2.69 -6.49 29.06
C ASP D 14 2.43 -7.78 28.28
N ILE D 15 1.24 -7.90 27.68
CA ILE D 15 1.02 -8.91 26.66
C ILE D 15 2.02 -8.66 25.53
N PHE D 16 2.40 -7.40 25.38
CA PHE D 16 3.30 -7.00 24.32
C PHE D 16 4.74 -7.33 24.60
N TRP D 17 5.06 -7.68 25.84
CA TRP D 17 6.45 -7.95 26.18
C TRP D 17 6.97 -9.27 25.62
N LYS D 18 6.18 -10.32 25.74
CA LYS D 18 6.70 -11.60 25.32
C LYS D 18 7.33 -11.52 23.91
N ASP D 19 6.51 -11.23 22.89
CA ASP D 19 6.92 -11.28 21.46
C ASP D 19 7.88 -10.18 21.03
N PHE D 20 7.83 -9.03 21.71
CA PHE D 20 8.86 -8.02 21.53
C PHE D 20 10.19 -8.60 21.96
N TYR D 21 10.28 -9.03 23.21
CA TYR D 21 11.45 -9.68 23.76
C TYR D 21 11.96 -10.81 22.87
N LEU D 22 11.04 -11.73 22.56
CA LEU D 22 11.34 -12.92 21.78
C LEU D 22 11.89 -12.58 20.40
N SER D 23 11.17 -11.71 19.68
CA SER D 23 11.60 -11.24 18.36
C SER D 23 12.94 -10.53 18.45
N ALA D 24 13.05 -9.65 19.43
CA ALA D 24 14.29 -8.93 19.68
C ALA D 24 15.46 -9.91 19.76
N GLU D 25 15.27 -11.02 20.46
CA GLU D 25 16.32 -12.00 20.59
C GLU D 25 16.68 -12.69 19.29
N ARG D 26 15.74 -12.70 18.34
CA ARG D 26 16.01 -13.29 17.04
C ARG D 26 16.72 -12.35 16.05
N TYR D 27 16.63 -11.05 16.27
CA TYR D 27 17.10 -10.08 15.27
C TYR D 27 18.03 -8.98 15.78
N PHE D 28 17.49 -8.17 16.69
CA PHE D 28 18.16 -6.98 17.16
C PHE D 28 19.52 -7.23 17.80
N MET D 29 20.56 -6.62 17.24
CA MET D 29 21.89 -6.63 17.83
C MET D 29 22.44 -8.01 18.20
N GLN D 30 22.50 -8.94 17.24
CA GLN D 30 23.08 -10.25 17.56
C GLN D 30 24.48 -10.42 16.98
N ASP D 31 25.48 -10.26 17.85
CA ASP D 31 26.88 -10.18 17.44
C ASP D 31 27.93 -10.94 18.25
N GLN D 32 27.74 -10.91 19.58
CA GLN D 32 28.75 -11.24 20.60
C GLN D 32 29.76 -10.13 20.92
N SER D 33 29.69 -9.03 20.19
CA SER D 33 30.28 -7.78 20.61
C SER D 33 29.19 -6.98 21.32
N PHE D 34 28.01 -7.59 21.35
CA PHE D 34 26.79 -6.97 21.84
C PHE D 34 26.16 -7.73 22.99
N ILE D 35 26.12 -7.11 24.16
CA ILE D 35 25.27 -7.61 25.25
C ILE D 35 23.98 -6.77 25.22
N ILE D 36 22.82 -7.43 25.16
CA ILE D 36 21.58 -6.69 25.35
C ILE D 36 21.15 -6.75 26.81
N GLU D 37 20.86 -5.59 27.39
CA GLU D 37 20.33 -5.48 28.73
C GLU D 37 18.93 -4.89 28.65
N TYR D 38 17.91 -5.66 29.04
CA TYR D 38 16.54 -5.17 28.96
C TYR D 38 16.09 -4.46 30.24
N TYR D 39 15.75 -3.19 30.17
CA TYR D 39 15.23 -2.55 31.39
C TYR D 39 13.76 -2.30 31.22
N VAL D 40 12.94 -3.10 31.89
CA VAL D 40 11.51 -3.04 31.68
C VAL D 40 10.74 -2.44 32.86
N PHE D 41 10.10 -1.32 32.62
CA PHE D 41 9.42 -0.63 33.70
C PHE D 41 7.98 -1.05 33.65
N THR D 42 7.57 -1.82 34.65
CA THR D 42 6.24 -2.40 34.64
C THR D 42 5.61 -2.54 36.01
N ASP D 43 4.28 -2.59 36.05
CA ASP D 43 3.56 -2.86 37.28
C ASP D 43 3.24 -4.35 37.43
N SER D 44 3.69 -5.15 36.46
CA SER D 44 3.42 -6.59 36.45
C SER D 44 4.36 -7.39 37.35
N PRO D 45 3.77 -8.31 38.14
CA PRO D 45 4.38 -9.20 39.13
C PRO D 45 5.50 -10.02 38.52
N LYS D 46 5.34 -10.42 37.27
CA LYS D 46 6.42 -11.13 36.61
C LYS D 46 6.36 -10.97 35.09
N LEU D 47 7.53 -11.06 34.47
CA LEU D 47 7.62 -10.93 33.02
C LEU D 47 8.05 -12.25 32.45
N TYR D 48 7.63 -12.53 31.23
CA TYR D 48 8.07 -13.72 30.55
C TYR D 48 9.60 -13.76 30.64
N ASP D 49 10.14 -14.95 30.91
CA ASP D 49 11.59 -15.20 30.91
C ASP D 49 12.36 -14.43 32.00
N GLU D 50 11.66 -13.61 32.76
CA GLU D 50 12.29 -12.84 33.84
C GLU D 50 13.16 -13.76 34.64
N GLU D 51 12.57 -14.89 35.01
CA GLU D 51 13.22 -15.92 35.79
C GLU D 51 14.21 -16.71 34.92
N ASN D 52 14.02 -16.68 33.62
CA ASN D 52 14.95 -17.36 32.75
C ASN D 52 16.07 -16.49 32.12
N ASN D 53 16.05 -15.18 32.35
CA ASN D 53 17.15 -14.32 31.88
C ASN D 53 17.62 -13.30 32.91
N LYS D 54 18.94 -13.18 33.04
CA LYS D 54 19.54 -12.23 33.96
C LYS D 54 19.78 -10.90 33.26
N HIS D 55 19.46 -10.84 31.98
CA HIS D 55 19.53 -9.59 31.27
C HIS D 55 18.20 -8.90 31.22
N ILE D 56 17.19 -9.52 31.84
CA ILE D 56 15.90 -8.87 32.01
C ILE D 56 15.86 -8.20 33.37
N HIS D 57 15.85 -6.88 33.38
CA HIS D 57 15.75 -6.15 34.63
C HIS D 57 14.34 -5.63 34.78
N ARG D 58 13.57 -6.27 35.66
CA ARG D 58 12.26 -5.76 35.94
C ARG D 58 12.41 -4.58 36.88
N ILE D 59 11.74 -3.48 36.57
CA ILE D 59 11.77 -2.31 37.41
C ILE D 59 10.35 -1.98 37.75
N LYS D 60 10.00 -2.14 39.02
CA LYS D 60 8.65 -1.86 39.46
C LYS D 60 8.28 -0.43 39.09
N GLN D 61 7.12 -0.29 38.47
CA GLN D 61 6.66 1.02 38.09
C GLN D 61 5.16 1.13 38.30
N LYS D 62 4.73 2.12 39.07
CA LYS D 62 3.30 2.38 39.18
C LYS D 62 2.79 2.64 37.77
N ASN D 63 1.51 2.37 37.54
CA ASN D 63 0.88 2.80 36.31
C ASN D 63 0.38 4.24 36.50
N LEU D 64 0.84 5.12 35.60
CA LEU D 64 0.47 6.52 35.63
C LEU D 64 -0.52 6.79 34.50
N GLY D 65 -1.77 7.01 34.85
CA GLY D 65 -2.82 7.22 33.88
C GLY D 65 -2.43 8.20 32.80
N TRP D 66 -2.66 7.82 31.55
CA TRP D 66 -2.43 8.70 30.41
C TRP D 66 -3.17 10.00 30.67
N PRO D 67 -2.64 11.12 30.15
CA PRO D 67 -1.43 11.13 29.30
C PRO D 67 -0.07 10.75 29.91
N ASP D 68 0.05 10.76 31.23
CA ASP D 68 1.35 10.70 31.89
C ASP D 68 2.27 9.51 31.61
N ASN D 69 1.73 8.36 31.23
CA ASN D 69 2.63 7.23 31.05
C ASN D 69 3.52 7.41 29.88
N THR D 70 2.98 8.01 28.83
CA THR D 70 3.79 8.35 27.70
C THR D 70 4.55 9.65 27.97
N LEU D 71 3.86 10.64 28.53
CA LEU D 71 4.42 11.98 28.73
C LEU D 71 5.55 12.04 29.75
N LYS D 72 5.46 11.21 30.77
CA LYS D 72 6.45 11.24 31.84
C LYS D 72 7.62 10.33 31.51
N ARG D 73 7.68 9.83 30.28
CA ARG D 73 8.60 8.76 29.97
C ARG D 73 9.95 9.00 30.62
N PHE D 74 10.50 10.19 30.42
CA PHE D 74 11.89 10.42 30.80
C PHE D 74 12.17 10.50 32.29
N HIS D 75 11.27 11.13 33.03
CA HIS D 75 11.29 11.11 34.48
C HIS D 75 11.52 9.70 34.98
N ILE D 76 10.80 8.77 34.35
CA ILE D 76 10.94 7.34 34.58
C ILE D 76 12.31 6.82 34.20
N PHE D 77 12.72 7.04 32.95
CA PHE D 77 14.02 6.55 32.54
C PHE D 77 15.09 7.02 33.50
N LEU D 78 14.77 8.07 34.26
CA LEU D 78 15.75 8.75 35.10
C LEU D 78 15.83 8.22 36.54
N ARG D 79 14.97 7.25 36.88
CA ARG D 79 15.00 6.64 38.21
C ARG D 79 16.25 5.79 38.39
N ILE D 80 16.54 4.96 37.40
CA ILE D 80 17.72 4.09 37.39
C ILE D 80 18.93 4.74 36.73
N LYS D 81 18.85 6.05 36.58
CA LYS D 81 19.79 6.76 35.76
C LYS D 81 21.22 6.27 35.97
N GLU D 82 21.67 6.25 37.22
CA GLU D 82 23.06 5.87 37.51
C GLU D 82 23.35 4.44 37.04
N GLN D 83 22.48 3.53 37.44
CA GLN D 83 22.59 2.13 37.04
C GLN D 83 22.81 2.09 35.55
N LEU D 84 22.18 3.04 34.87
CA LEU D 84 22.27 3.10 33.42
C LEU D 84 23.69 3.46 33.00
N GLU D 85 24.25 4.51 33.60
CA GLU D 85 25.57 5.02 33.20
C GLU D 85 26.63 3.95 33.38
N ARG D 86 26.43 3.13 34.41
CA ARG D 86 27.37 2.09 34.80
C ARG D 86 27.26 0.86 33.90
N GLU D 87 26.03 0.49 33.55
CA GLU D 87 25.84 -0.76 32.81
C GLU D 87 25.70 -0.62 31.28
N THR D 88 25.69 0.60 30.74
CA THR D 88 25.29 0.78 29.34
C THR D 88 26.10 1.79 28.52
N ASP D 89 26.49 1.38 27.32
CA ASP D 89 27.09 2.28 26.32
C ASP D 89 26.06 3.04 25.48
N TYR D 90 25.01 2.35 25.07
CA TYR D 90 23.92 2.92 24.26
C TYR D 90 22.55 2.70 24.89
N LEU D 91 21.63 3.60 24.60
CA LEU D 91 20.29 3.48 25.13
C LEU D 91 19.28 3.61 24.01
N PHE D 92 18.34 2.68 23.92
CA PHE D 92 17.25 2.77 22.96
C PHE D 92 15.88 2.56 23.60
N PHE D 93 14.93 3.40 23.24
CA PHE D 93 13.56 3.22 23.69
C PHE D 93 12.75 2.53 22.63
N PHE D 94 12.08 1.45 23.01
CA PHE D 94 11.18 0.82 22.07
C PHE D 94 9.78 0.86 22.62
N ASN D 95 8.83 1.21 21.77
CA ASN D 95 7.44 1.21 22.15
C ASN D 95 7.00 -0.21 22.46
N ALA D 96 6.14 -0.36 23.45
CA ALA D 96 5.64 -1.65 23.89
C ALA D 96 5.12 -2.60 22.78
N ASN D 97 4.37 -2.09 21.81
CA ASN D 97 3.80 -2.95 20.75
C ASN D 97 4.70 -3.28 19.55
N LEU D 98 5.97 -2.89 19.61
CA LEU D 98 6.88 -3.11 18.47
C LEU D 98 7.29 -4.57 18.31
N LEU D 99 7.59 -4.97 17.08
CA LEU D 99 7.98 -6.33 16.80
C LEU D 99 9.08 -6.37 15.75
N PHE D 100 10.22 -6.96 16.05
CA PHE D 100 11.27 -7.05 15.03
C PHE D 100 10.93 -8.08 13.96
N THR D 101 10.89 -7.65 12.71
CA THR D 101 10.67 -8.61 11.64
C THR D 101 11.94 -9.05 10.89
N SER D 102 13.09 -8.53 11.28
CA SER D 102 14.26 -8.64 10.40
C SER D 102 15.50 -8.06 11.07
N PRO D 103 16.68 -8.63 10.76
CA PRO D 103 17.94 -8.38 11.49
C PRO D 103 18.34 -6.89 11.61
N ILE D 104 18.92 -6.50 12.73
CA ILE D 104 19.43 -5.13 12.89
C ILE D 104 20.84 -5.09 13.47
N GLY D 105 21.80 -4.58 12.71
CA GLY D 105 23.20 -4.63 13.09
C GLY D 105 23.83 -3.31 13.54
N LYS D 106 25.16 -3.25 13.41
CA LYS D 106 25.95 -2.17 13.97
C LYS D 106 25.51 -0.79 13.49
N GLU D 107 24.87 -0.76 12.33
CA GLU D 107 24.61 0.50 11.61
C GLU D 107 23.85 1.58 12.39
N ILE D 108 22.88 1.15 13.19
CA ILE D 108 21.97 2.09 13.85
C ILE D 108 22.62 2.90 14.98
N LEU D 109 23.87 2.59 15.30
CA LEU D 109 24.58 3.26 16.39
C LEU D 109 25.22 4.58 15.97
N PRO D 110 24.93 5.67 16.69
CA PRO D 110 25.62 6.92 16.40
C PRO D 110 27.12 6.72 16.56
N PRO D 111 27.95 7.20 15.63
CA PRO D 111 29.41 7.07 15.81
C PRO D 111 29.89 7.84 17.03
N SER D 112 31.19 7.80 17.32
CA SER D 112 31.73 8.49 18.50
C SER D 112 32.08 9.94 18.15
N ASP D 113 32.14 10.19 16.84
CA ASP D 113 32.38 11.52 16.28
C ASP D 113 31.05 12.27 16.08
N SER D 114 29.95 11.73 16.61
CA SER D 114 28.63 12.36 16.47
C SER D 114 28.12 12.88 17.81
N ASN D 115 26.93 13.48 17.79
CA ASN D 115 26.30 13.94 19.02
C ASN D 115 25.77 12.77 19.82
N GLY D 116 25.80 11.61 19.16
CA GLY D 116 25.38 10.36 19.75
C GLY D 116 23.89 10.32 19.96
N LEU D 117 23.16 10.65 18.89
CA LEU D 117 21.70 10.68 18.96
C LEU D 117 21.06 9.92 17.81
N LEU D 118 19.92 9.30 18.09
CA LEU D 118 19.19 8.59 17.07
C LEU D 118 17.72 8.93 17.19
N GLY D 119 17.06 9.01 16.05
CA GLY D 119 15.66 9.31 16.01
C GLY D 119 15.08 8.58 14.83
N THR D 120 13.78 8.38 14.83
CA THR D 120 13.14 7.68 13.72
C THR D 120 12.01 8.49 13.14
N MET D 121 11.92 8.44 11.82
CA MET D 121 10.88 9.16 11.12
C MET D 121 9.51 8.55 11.35
N HIS D 122 8.59 9.39 11.80
CA HIS D 122 7.22 9.01 11.95
C HIS D 122 6.68 8.62 10.59
N PRO D 123 6.06 7.43 10.47
CA PRO D 123 5.57 6.89 9.21
C PRO D 123 4.43 7.70 8.56
N GLY D 124 3.61 8.36 9.37
CA GLY D 124 2.44 9.07 8.87
C GLY D 124 2.79 10.34 8.11
N PHE D 125 3.87 10.99 8.53
CA PHE D 125 4.41 12.18 7.90
C PHE D 125 5.67 12.06 7.00
N TYR D 126 6.19 10.86 6.78
CA TYR D 126 7.50 10.75 6.16
C TYR D 126 7.66 11.32 4.73
N ASN D 127 6.59 11.32 3.94
CA ASN D 127 6.70 11.76 2.54
C ASN D 127 6.63 13.25 2.29
N LYS D 128 6.20 13.99 3.30
CA LYS D 128 5.65 15.33 3.13
C LYS D 128 6.63 16.41 3.52
N PRO D 129 6.20 17.68 3.34
CA PRO D 129 6.89 18.90 3.75
C PRO D 129 6.69 19.18 5.24
N ASN D 130 7.34 20.22 5.75
CA ASN D 130 7.30 20.49 7.18
C ASN D 130 6.26 21.51 7.58
N SER D 131 5.46 21.95 6.62
CA SER D 131 4.33 22.79 6.98
C SER D 131 3.25 21.87 7.51
N GLU D 132 3.31 20.62 7.02
CA GLU D 132 2.35 19.55 7.31
C GLU D 132 2.60 18.78 8.62
N PHE D 133 3.84 18.82 9.10
CA PHE D 133 4.22 18.19 10.36
C PHE D 133 3.33 18.68 11.52
N THR D 134 2.98 17.79 12.47
CA THR D 134 2.21 18.26 13.64
C THR D 134 3.16 18.50 14.81
N TYR D 135 3.52 19.77 14.94
CA TYR D 135 4.53 20.23 15.88
C TYR D 135 3.73 21.11 16.81
N GLU D 136 4.16 21.19 18.06
CA GLU D 136 3.47 22.03 18.99
C GLU D 136 3.53 23.43 18.37
N ARG D 137 2.38 24.06 18.11
CA ARG D 137 2.35 25.39 17.49
C ARG D 137 2.11 26.51 18.51
N ARG D 138 1.82 26.13 19.76
CA ARG D 138 1.65 27.13 20.83
C ARG D 138 2.99 27.55 21.41
N ASP D 139 3.22 28.86 21.45
CA ASP D 139 4.50 29.38 21.94
C ASP D 139 4.60 29.25 23.44
N ALA D 140 3.46 29.07 24.10
CA ALA D 140 3.43 28.76 25.54
C ALA D 140 4.21 27.49 25.83
N SER D 141 4.20 26.56 24.88
CA SER D 141 4.79 25.24 25.03
C SER D 141 6.29 25.21 24.77
N THR D 142 6.99 24.53 25.68
CA THR D 142 8.42 24.30 25.60
C THR D 142 8.74 23.61 24.28
N ALA D 143 7.70 22.96 23.71
CA ALA D 143 7.82 22.11 22.55
C ALA D 143 7.61 22.86 21.25
N TYR D 144 7.13 24.10 21.36
CA TYR D 144 6.75 24.88 20.19
C TYR D 144 7.83 25.01 19.11
N ILE D 145 7.48 24.64 17.90
CA ILE D 145 8.35 24.87 16.75
C ILE D 145 7.54 25.71 15.78
N PRO D 146 8.17 26.73 15.19
CA PRO D 146 7.36 27.66 14.38
C PRO D 146 6.98 27.08 13.04
N GLU D 147 5.81 27.49 12.54
CA GLU D 147 5.37 27.07 11.23
C GLU D 147 6.37 27.46 10.14
N GLY D 148 6.79 26.47 9.36
CA GLY D 148 7.74 26.69 8.29
C GLY D 148 9.10 26.14 8.62
N GLU D 149 9.24 25.56 9.80
CA GLU D 149 10.54 25.05 10.24
C GLU D 149 10.62 23.55 10.58
N GLY D 150 11.85 23.04 10.61
CA GLY D 150 12.13 21.65 10.87
C GLY D 150 12.58 20.91 9.61
N ARG D 151 13.33 19.83 9.80
CA ARG D 151 13.71 18.94 8.71
C ARG D 151 12.69 17.81 8.60
N TYR D 152 12.53 17.06 9.70
CA TYR D 152 11.72 15.85 9.74
C TYR D 152 10.61 15.91 10.79
N TYR D 153 9.67 14.98 10.73
CA TYR D 153 8.85 14.69 11.91
C TYR D 153 9.28 13.38 12.52
N TYR D 154 9.70 13.44 13.78
CA TYR D 154 10.20 12.28 14.50
C TYR D 154 9.16 11.63 15.39
N ALA D 155 9.12 10.30 15.38
CA ALA D 155 8.24 9.55 16.27
C ALA D 155 8.85 9.32 17.67
N GLY D 156 7.99 9.29 18.67
CA GLY D 156 8.41 9.01 20.03
C GLY D 156 8.60 7.53 20.36
N GLY D 157 8.20 6.68 19.42
CA GLY D 157 8.24 5.25 19.62
C GLY D 157 9.59 4.61 19.38
N LEU D 158 10.54 5.34 18.81
CA LEU D 158 11.90 4.84 18.77
C LEU D 158 12.89 5.99 18.88
N SER D 159 13.76 5.92 19.88
CA SER D 159 14.84 6.88 20.06
C SER D 159 15.99 6.20 20.77
N GLY D 160 17.19 6.77 20.69
CA GLY D 160 18.36 6.18 21.32
C GLY D 160 19.65 6.98 21.24
N GLY D 161 20.76 6.35 21.62
CA GLY D 161 22.07 6.94 21.41
C GLY D 161 23.11 6.65 22.47
N CYS D 162 24.25 7.30 22.36
CA CYS D 162 25.31 7.18 23.37
C CYS D 162 24.63 7.44 24.70
N THR D 163 25.01 6.66 25.73
CA THR D 163 24.29 6.72 27.00
C THR D 163 24.21 8.14 27.53
N LYS D 164 25.36 8.79 27.67
CA LYS D 164 25.39 10.16 28.17
C LYS D 164 24.44 11.06 27.39
N ALA D 165 24.62 11.06 26.07
CA ALA D 165 23.81 11.84 25.14
C ALA D 165 22.33 11.60 25.33
N TYR D 166 21.94 10.34 25.30
CA TYR D 166 20.55 10.04 25.56
C TYR D 166 20.10 10.67 26.88
N LEU D 167 20.82 10.37 27.95
CA LEU D 167 20.44 10.88 29.25
C LEU D 167 20.31 12.40 29.27
N LYS D 168 21.28 13.09 28.67
CA LYS D 168 21.23 14.56 28.53
C LYS D 168 19.88 14.98 28.01
N LEU D 169 19.48 14.31 26.94
CA LEU D 169 18.20 14.48 26.30
C LEU D 169 17.08 14.34 27.33
N CYS D 170 17.14 13.25 28.08
CA CYS D 170 16.11 12.94 29.06
C CYS D 170 16.01 14.06 30.08
N THR D 171 17.12 14.35 30.75
CA THR D 171 17.10 15.38 31.79
C THR D 171 16.51 16.66 31.24
N THR D 172 16.94 16.97 30.02
CA THR D 172 16.56 18.22 29.35
C THR D 172 15.07 18.27 29.13
N ILE D 173 14.55 17.19 28.56
CA ILE D 173 13.14 17.06 28.30
C ILE D 173 12.38 16.97 29.62
N CYS D 174 12.95 16.21 30.54
CA CYS D 174 12.30 15.96 31.80
C CYS D 174 11.76 17.29 32.32
N SER D 175 12.59 18.31 32.23
CA SER D 175 12.25 19.61 32.78
C SER D 175 11.19 20.33 31.96
N TRP D 176 11.22 20.14 30.65
CA TRP D 176 10.23 20.79 29.81
C TRP D 176 8.85 20.29 30.21
N VAL D 177 8.75 18.98 30.37
CA VAL D 177 7.52 18.36 30.83
C VAL D 177 7.03 19.05 32.09
N ASP D 178 7.88 19.13 33.11
CA ASP D 178 7.54 19.83 34.35
C ASP D 178 7.14 21.27 34.05
N ARG D 179 8.00 21.96 33.32
CA ARG D 179 7.82 23.38 33.03
C ARG D 179 6.49 23.65 32.29
N ASP D 180 6.14 22.82 31.31
CA ASP D 180 4.89 22.98 30.59
C ASP D 180 3.67 22.78 31.48
N ALA D 181 3.78 21.81 32.39
CA ALA D 181 2.68 21.39 33.27
C ALA D 181 2.17 22.53 34.14
N THR D 182 3.11 23.38 34.58
CA THR D 182 2.81 24.51 35.43
C THR D 182 2.31 25.71 34.64
N ASN D 183 2.35 25.60 33.32
CA ASN D 183 1.72 26.55 32.42
C ASN D 183 0.34 26.07 31.97
N HIS D 184 -0.07 24.93 32.51
CA HIS D 184 -1.33 24.30 32.16
C HIS D 184 -1.39 23.95 30.67
N ILE D 185 -0.26 23.44 30.16
CA ILE D 185 -0.12 23.07 28.75
C ILE D 185 0.43 21.65 28.64
N ILE D 186 -0.30 20.79 27.94
CA ILE D 186 0.20 19.44 27.64
C ILE D 186 0.36 19.30 26.12
N PRO D 187 1.61 19.09 25.64
CA PRO D 187 1.86 19.12 24.20
C PRO D 187 0.85 18.27 23.42
N ILE D 188 0.52 18.71 22.21
CA ILE D 188 -0.56 18.07 21.49
C ILE D 188 -0.24 16.60 21.30
N TRP D 189 1.02 16.33 20.99
CA TRP D 189 1.55 14.98 20.95
C TRP D 189 2.42 14.54 22.12
N HIS D 190 2.44 15.32 23.18
CA HIS D 190 3.18 15.00 24.40
C HIS D 190 4.65 14.88 24.09
N ASP D 191 5.25 13.80 24.60
CA ASP D 191 6.69 13.59 24.53
C ASP D 191 7.22 13.40 23.11
N GLU D 192 6.32 13.27 22.14
CA GLU D 192 6.74 13.17 20.76
C GLU D 192 6.96 14.56 20.23
N SER D 193 6.09 15.46 20.66
CA SER D 193 6.21 16.87 20.37
C SER D 193 7.52 17.41 20.97
N LEU D 194 7.66 17.26 22.28
CA LEU D 194 8.87 17.71 22.95
C LEU D 194 10.17 17.17 22.33
N ILE D 195 10.23 15.86 22.05
CA ILE D 195 11.46 15.32 21.46
C ILE D 195 11.71 15.83 20.07
N ASN D 196 10.67 16.38 19.43
CA ASN D 196 10.89 17.07 18.17
C ASN D 196 11.60 18.42 18.39
N LYS D 197 11.10 19.23 19.31
CA LYS D 197 11.76 20.48 19.66
C LYS D 197 13.22 20.22 19.95
N TYR D 198 13.53 19.12 20.63
CA TYR D 198 14.91 18.85 21.02
C TYR D 198 15.71 18.22 19.90
N PHE D 199 15.02 17.64 18.92
CA PHE D 199 15.73 17.08 17.80
C PHE D 199 15.91 18.15 16.73
N LEU D 200 15.18 19.24 16.91
CA LEU D 200 15.40 20.44 16.12
C LEU D 200 16.67 21.11 16.59
N ASP D 201 16.75 21.40 17.88
CA ASP D 201 17.94 21.96 18.48
C ASP D 201 19.13 21.08 18.22
N ASN D 202 18.95 19.79 18.43
CA ASN D 202 20.04 18.82 18.32
C ASN D 202 19.77 17.78 17.27
N PRO D 203 19.92 18.15 16.00
CA PRO D 203 19.68 17.18 14.92
C PRO D 203 20.50 15.94 15.20
N PRO D 204 19.84 14.77 15.20
CA PRO D 204 20.54 13.53 15.54
C PRO D 204 21.46 12.96 14.48
N ALA D 205 22.62 12.45 14.92
CA ALA D 205 23.59 11.81 14.05
C ALA D 205 22.92 10.80 13.13
N ILE D 206 22.02 10.02 13.68
CA ILE D 206 21.29 9.05 12.88
C ILE D 206 19.83 9.42 12.79
N THR D 207 19.22 9.14 11.64
CA THR D 207 17.78 9.23 11.47
C THR D 207 17.28 8.04 10.65
N LEU D 208 16.33 7.29 11.20
CA LEU D 208 15.84 6.04 10.61
C LEU D 208 14.52 6.24 9.90
N SER D 209 14.35 5.52 8.79
CA SER D 209 13.12 5.57 8.01
C SER D 209 11.99 4.98 8.83
N PRO D 210 10.73 5.25 8.45
CA PRO D 210 9.57 4.65 9.12
C PRO D 210 9.53 3.15 8.90
N ALA D 211 10.36 2.64 8.00
CA ALA D 211 10.52 1.19 7.86
C ALA D 211 10.75 0.55 9.23
N TYR D 212 11.42 1.29 10.11
CA TYR D 212 11.68 0.87 11.49
C TYR D 212 10.49 1.12 12.45
N LEU D 213 9.56 2.00 12.03
CA LEU D 213 8.22 2.14 12.62
C LEU D 213 7.00 1.57 11.87
N TYR D 214 7.20 0.70 10.89
CA TYR D 214 6.11 0.32 9.99
C TYR D 214 4.87 -0.22 10.70
N PRO D 215 3.78 0.57 10.68
CA PRO D 215 2.56 0.16 11.37
C PRO D 215 1.92 -1.04 10.69
N GLU D 216 1.38 -1.97 11.48
CA GLU D 216 0.82 -3.17 10.89
C GLU D 216 -0.42 -2.83 10.09
N GLY D 217 -0.46 -3.29 8.85
CA GLY D 217 -1.64 -3.14 8.02
C GLY D 217 -1.67 -1.85 7.20
N TRP D 218 -0.50 -1.28 6.97
CA TRP D 218 -0.40 -0.07 6.19
C TRP D 218 0.37 -0.42 4.93
N LEU D 219 0.17 0.35 3.86
CA LEU D 219 1.01 0.18 2.69
C LEU D 219 1.92 1.39 2.46
N LEU D 220 3.19 1.19 2.80
CA LEU D 220 4.19 2.23 2.77
C LEU D 220 5.33 1.79 1.86
N PRO D 221 6.02 2.76 1.26
CA PRO D 221 7.09 2.46 0.32
C PRO D 221 8.41 2.07 0.97
N PHE D 222 8.35 1.11 1.89
CA PHE D 222 9.55 0.46 2.39
C PHE D 222 9.11 -0.82 3.03
N GLU D 223 10.02 -1.79 3.13
CA GLU D 223 9.65 -3.04 3.76
C GLU D 223 9.58 -2.81 5.28
N PRO D 224 8.73 -3.56 5.99
CA PRO D 224 8.85 -3.42 7.44
C PRO D 224 10.21 -3.90 7.89
N ILE D 225 10.74 -3.32 8.95
CA ILE D 225 11.87 -3.91 9.66
C ILE D 225 11.39 -4.17 11.06
N ILE D 226 11.00 -3.09 11.73
CA ILE D 226 10.25 -3.21 12.98
C ILE D 226 8.78 -2.88 12.72
N LEU D 227 7.92 -3.79 13.14
CA LEU D 227 6.51 -3.66 12.89
C LEU D 227 5.84 -3.08 14.13
N ILE D 228 4.89 -2.18 13.95
CA ILE D 228 4.09 -1.74 15.07
C ILE D 228 2.86 -2.61 15.06
N ARG D 229 2.72 -3.45 16.08
CA ARG D 229 1.64 -4.43 16.09
C ARG D 229 0.31 -3.77 16.37
N ASP D 230 -0.73 -4.13 15.61
CA ASP D 230 -2.03 -3.54 15.86
C ASP D 230 -2.55 -3.92 17.23
N LYS D 231 -2.92 -2.89 17.99
CA LYS D 231 -3.31 -3.07 19.38
C LYS D 231 -4.74 -3.57 19.57
N ASN D 232 -5.56 -3.49 18.53
CA ASN D 232 -6.91 -4.03 18.64
C ASN D 232 -7.03 -5.55 18.40
N LYS D 233 -6.00 -6.14 17.81
CA LYS D 233 -5.99 -7.59 17.60
C LYS D 233 -6.22 -8.30 18.93
N PRO D 234 -6.84 -9.50 18.88
CA PRO D 234 -6.90 -10.25 20.13
C PRO D 234 -5.59 -10.98 20.43
N GLN D 235 -5.28 -11.08 21.72
CA GLN D 235 -6.08 -10.37 22.71
C GLN D 235 -5.20 -9.31 23.30
N TYR D 236 -5.44 -8.07 22.92
CA TYR D 236 -4.39 -7.09 23.08
C TYR D 236 -4.82 -5.91 23.97
#